data_6KCF
#
_entry.id   6KCF
#
_cell.length_a   143.126
_cell.length_b   134.857
_cell.length_c   85.617
_cell.angle_alpha   90.000
_cell.angle_beta   101.210
_cell.angle_gamma   90.000
#
_symmetry.space_group_name_H-M   'C 1 2 1'
#
loop_
_entity.id
_entity.type
_entity.pdbx_description
1 polymer "Inosine-5'-monophosphate dehydrogenase"
2 water water
#
_entity_poly.entity_id   1
_entity_poly.type   'polypeptide(L)'
_entity_poly.pdbx_seq_one_letter_code
;MARIIENNVGGVALTFDDVLLRPEFSNVLPRDIDISTRIAKDFTLNLPIMSAAMDQVTDSRLAIAMAQAGGLGVIHRNFS
PSEQVAQVHQVKKFESGGVKDIERSQLNPNATKDSKGRLRVAAAVSVAKDIADRVGPLFDVNVDLVVVDTAHGHSQKVLD
AVVQIKKNFPSLLVMAGNIATAEGALALIDAGADIIKVGIGPGSICTTRVVTGVGCPQLSAIMSVVEVAERAGVAIVADG
GIRFSGDIAKAIAAGSACVMIGSLLAGTDESPGDIFLYQGRSFKSYRGMGSVAAMERGSSARYSQDGVTDVLKLVPEGIE
GRVPYKGPIASVLHQMSGGLKSSMGYVGASNIEEFQKKANFIRVSVAGLRESHVHDVKITRESPNYSETI
;
_entity_poly.pdbx_strand_id   A,B,C,D
#
# COMPACT_ATOMS: atom_id res chain seq x y z
N VAL A 12 -18.46 -2.67 -33.85
CA VAL A 12 -18.27 -2.73 -32.41
C VAL A 12 -19.48 -3.34 -31.72
N ALA A 13 -19.31 -3.74 -30.47
CA ALA A 13 -20.40 -4.23 -29.65
C ALA A 13 -20.81 -3.15 -28.66
N LEU A 14 -22.11 -2.89 -28.57
CA LEU A 14 -22.62 -1.76 -27.81
C LEU A 14 -23.19 -2.19 -26.46
N THR A 15 -23.12 -1.28 -25.51
CA THR A 15 -23.74 -1.44 -24.20
C THR A 15 -24.92 -0.47 -24.09
N PHE A 16 -25.52 -0.42 -22.90
CA PHE A 16 -26.73 0.38 -22.71
C PHE A 16 -26.47 1.87 -22.90
N ASP A 17 -25.30 2.36 -22.51
CA ASP A 17 -24.99 3.78 -22.61
C ASP A 17 -24.65 4.23 -24.03
N ASP A 18 -24.63 3.32 -25.00
CA ASP A 18 -24.37 3.68 -26.38
C ASP A 18 -25.64 4.06 -27.14
N VAL A 19 -26.82 3.79 -26.60
CA VAL A 19 -28.07 3.97 -27.31
C VAL A 19 -29.05 4.76 -26.45
N LEU A 20 -30.10 5.25 -27.09
CA LEU A 20 -31.22 5.90 -26.43
C LEU A 20 -32.50 5.47 -27.13
N LEU A 21 -33.58 5.39 -26.36
CA LEU A 21 -34.88 5.05 -26.92
C LEU A 21 -35.48 6.28 -27.61
N ARG A 22 -35.90 6.12 -28.85
CA ARG A 22 -36.46 7.24 -29.58
C ARG A 22 -37.91 7.47 -29.14
N PRO A 23 -38.31 8.72 -28.94
CA PRO A 23 -39.72 9.01 -28.67
C PRO A 23 -40.59 8.65 -29.87
N GLU A 24 -41.77 8.12 -29.57
CA GLU A 24 -42.76 7.78 -30.59
C GLU A 24 -44.09 8.40 -30.22
N PHE A 25 -45.04 8.34 -31.15
CA PHE A 25 -46.39 8.80 -30.85
C PHE A 25 -46.98 7.97 -29.73
N SER A 26 -47.69 8.65 -28.82
CA SER A 26 -48.24 7.99 -27.64
C SER A 26 -49.64 8.50 -27.35
N ASN A 27 -50.54 7.57 -27.03
CA ASN A 27 -51.83 7.90 -26.45
C ASN A 27 -52.05 7.15 -25.14
N VAL A 28 -50.98 6.62 -24.56
CA VAL A 28 -51.06 5.80 -23.35
C VAL A 28 -50.69 6.66 -22.15
N LEU A 29 -51.52 6.60 -21.12
CA LEU A 29 -51.14 7.31 -19.89
C LEU A 29 -50.33 6.37 -19.00
N PRO A 30 -49.24 6.87 -18.41
CA PRO A 30 -48.34 6.00 -17.64
C PRO A 30 -48.99 5.31 -16.44
N ARG A 31 -50.17 5.76 -16.01
CA ARG A 31 -50.85 5.09 -14.90
C ARG A 31 -51.34 3.71 -15.31
N ASP A 32 -51.92 3.60 -16.50
CA ASP A 32 -52.54 2.35 -16.96
C ASP A 32 -51.62 1.53 -17.86
N ILE A 33 -50.33 1.46 -17.52
CA ILE A 33 -49.37 0.69 -18.30
C ILE A 33 -49.09 -0.61 -17.56
N ASP A 34 -49.17 -1.72 -18.29
CA ASP A 34 -48.96 -3.06 -17.72
C ASP A 34 -47.53 -3.50 -17.99
N ILE A 35 -46.77 -3.75 -16.93
CA ILE A 35 -45.37 -4.15 -17.05
C ILE A 35 -45.18 -5.62 -16.67
N SER A 36 -46.27 -6.39 -16.62
CA SER A 36 -46.15 -7.81 -16.31
C SER A 36 -45.47 -8.55 -17.45
N THR A 37 -44.88 -9.70 -17.12
CA THR A 37 -44.14 -10.49 -18.09
C THR A 37 -44.28 -11.97 -17.75
N ARG A 38 -44.17 -12.82 -18.77
CA ARG A 38 -44.28 -14.26 -18.63
C ARG A 38 -42.89 -14.86 -18.82
N ILE A 39 -42.24 -15.24 -17.72
CA ILE A 39 -40.91 -15.83 -17.81
C ILE A 39 -40.95 -17.30 -18.19
N ALA A 40 -42.08 -17.97 -17.97
CA ALA A 40 -42.24 -19.38 -18.34
C ALA A 40 -43.73 -19.70 -18.34
N LYS A 41 -44.06 -20.92 -18.75
CA LYS A 41 -45.45 -21.35 -18.74
C LYS A 41 -45.98 -21.37 -17.32
N ASP A 42 -47.10 -20.68 -17.10
CA ASP A 42 -47.72 -20.53 -15.78
C ASP A 42 -46.77 -19.88 -14.78
N PHE A 43 -45.94 -18.95 -15.26
CA PHE A 43 -45.03 -18.19 -14.40
C PHE A 43 -45.01 -16.75 -14.89
N THR A 44 -45.73 -15.88 -14.20
CA THR A 44 -45.87 -14.48 -14.57
C THR A 44 -45.42 -13.60 -13.43
N LEU A 45 -44.60 -12.59 -13.73
CA LEU A 45 -44.16 -11.60 -12.75
C LEU A 45 -44.82 -10.27 -13.07
N ASN A 46 -45.52 -9.70 -12.08
CA ASN A 46 -46.06 -8.36 -12.25
C ASN A 46 -44.98 -7.30 -12.24
N LEU A 47 -43.80 -7.62 -11.70
CA LEU A 47 -42.63 -6.74 -11.73
C LEU A 47 -41.51 -7.48 -12.44
N PRO A 48 -41.08 -7.02 -13.63
CA PRO A 48 -40.07 -7.74 -14.42
C PRO A 48 -38.65 -7.59 -13.90
N ILE A 49 -38.49 -7.84 -12.59
CA ILE A 49 -37.21 -7.67 -11.90
C ILE A 49 -36.97 -8.89 -11.03
N MET A 50 -35.77 -9.47 -11.15
CA MET A 50 -35.33 -10.55 -10.29
C MET A 50 -34.11 -10.12 -9.50
N SER A 51 -34.02 -10.58 -8.26
CA SER A 51 -32.87 -10.26 -7.42
C SER A 51 -31.76 -11.29 -7.64
N ALA A 52 -30.53 -10.79 -7.69
CA ALA A 52 -29.40 -11.65 -8.01
C ALA A 52 -29.09 -12.61 -6.87
N ALA A 53 -28.40 -13.70 -7.20
CA ALA A 53 -28.04 -14.72 -6.21
C ALA A 53 -26.68 -14.37 -5.60
N MET A 54 -26.68 -13.28 -4.84
CA MET A 54 -25.51 -12.81 -4.10
C MET A 54 -25.83 -12.79 -2.61
N ASP A 55 -24.86 -13.20 -1.80
CA ASP A 55 -25.09 -13.31 -0.37
C ASP A 55 -25.30 -11.96 0.31
N GLN A 56 -25.00 -10.87 -0.36
CA GLN A 56 -25.30 -9.53 0.14
C GLN A 56 -26.64 -9.01 -0.39
N VAL A 57 -27.42 -9.85 -1.06
CA VAL A 57 -28.66 -9.41 -1.70
C VAL A 57 -29.83 -10.27 -1.26
N THR A 58 -29.89 -11.51 -1.73
CA THR A 58 -31.10 -12.34 -1.64
C THR A 58 -30.94 -13.42 -0.57
N ASP A 59 -31.57 -13.20 0.57
CA ASP A 59 -31.88 -14.25 1.54
C ASP A 59 -33.39 -14.47 1.52
N SER A 60 -33.93 -14.99 2.63
CA SER A 60 -35.38 -15.17 2.70
C SER A 60 -36.10 -13.84 2.86
N ARG A 61 -35.49 -12.88 3.54
CA ARG A 61 -36.17 -11.62 3.83
C ARG A 61 -36.36 -10.79 2.56
N LEU A 62 -35.35 -10.75 1.70
CA LEU A 62 -35.48 -10.00 0.45
C LEU A 62 -36.30 -10.76 -0.58
N ALA A 63 -36.16 -12.09 -0.63
CA ALA A 63 -36.95 -12.89 -1.57
C ALA A 63 -38.43 -12.74 -1.29
N ILE A 64 -38.81 -12.67 0.00
CA ILE A 64 -40.20 -12.38 0.34
C ILE A 64 -40.58 -10.98 -0.14
N ALA A 65 -39.70 -10.01 0.06
CA ALA A 65 -39.97 -8.65 -0.38
C ALA A 65 -40.01 -8.55 -1.90
N MET A 66 -39.12 -9.28 -2.58
CA MET A 66 -39.17 -9.31 -4.05
C MET A 66 -40.45 -9.96 -4.54
N ALA A 67 -40.87 -11.06 -3.90
CA ALA A 67 -42.10 -11.73 -4.32
C ALA A 67 -43.32 -10.89 -3.98
N GLN A 68 -43.30 -10.20 -2.84
CA GLN A 68 -44.42 -9.34 -2.47
C GLN A 68 -44.61 -8.21 -3.46
N ALA A 69 -43.50 -7.62 -3.94
CA ALA A 69 -43.58 -6.51 -4.87
C ALA A 69 -43.98 -6.92 -6.28
N GLY A 70 -44.08 -8.22 -6.56
CA GLY A 70 -44.41 -8.71 -7.88
C GLY A 70 -43.23 -9.25 -8.66
N GLY A 71 -42.03 -9.23 -8.11
CA GLY A 71 -40.84 -9.75 -8.74
C GLY A 71 -40.55 -11.17 -8.32
N LEU A 72 -39.25 -11.48 -8.19
CA LEU A 72 -38.82 -12.82 -7.81
C LEU A 72 -37.43 -12.73 -7.21
N GLY A 73 -37.16 -13.61 -6.25
CA GLY A 73 -35.86 -13.69 -5.61
C GLY A 73 -35.18 -15.01 -5.90
N VAL A 74 -33.85 -14.97 -5.98
CA VAL A 74 -33.03 -16.15 -6.23
C VAL A 74 -32.13 -16.32 -5.01
N ILE A 75 -32.46 -17.29 -4.15
CA ILE A 75 -31.63 -17.56 -2.99
C ILE A 75 -30.23 -17.93 -3.44
N HIS A 76 -29.23 -17.23 -2.93
CA HIS A 76 -27.85 -17.48 -3.34
C HIS A 76 -27.38 -18.84 -2.81
N ARG A 77 -26.31 -19.34 -3.44
CA ARG A 77 -25.76 -20.65 -3.09
C ARG A 77 -24.48 -20.55 -2.28
N ASN A 78 -24.17 -19.38 -1.73
CA ASN A 78 -23.15 -19.33 -0.67
C ASN A 78 -23.68 -19.92 0.62
N PHE A 79 -25.01 -19.95 0.79
CA PHE A 79 -25.61 -20.79 1.81
C PHE A 79 -25.20 -22.24 1.60
N SER A 80 -25.09 -22.98 2.70
CA SER A 80 -24.93 -24.41 2.60
C SER A 80 -26.21 -25.01 2.01
N PRO A 81 -26.12 -26.22 1.42
CA PRO A 81 -27.34 -26.84 0.88
C PRO A 81 -28.47 -26.94 1.90
N SER A 82 -28.16 -27.23 3.16
CA SER A 82 -29.21 -27.27 4.18
C SER A 82 -29.70 -25.86 4.52
N GLU A 83 -28.80 -24.89 4.59
CA GLU A 83 -29.20 -23.51 4.83
C GLU A 83 -30.08 -22.99 3.70
N GLN A 84 -29.72 -23.31 2.45
CA GLN A 84 -30.49 -22.81 1.32
C GLN A 84 -31.89 -23.37 1.31
N VAL A 85 -32.04 -24.65 1.68
CA VAL A 85 -33.37 -25.25 1.77
C VAL A 85 -34.18 -24.58 2.88
N ALA A 86 -33.54 -24.26 3.99
CA ALA A 86 -34.24 -23.58 5.09
C ALA A 86 -34.69 -22.18 4.67
N GLN A 87 -33.87 -21.49 3.86
CA GLN A 87 -34.25 -20.16 3.41
C GLN A 87 -35.43 -20.21 2.44
N VAL A 88 -35.47 -21.23 1.59
CA VAL A 88 -36.59 -21.38 0.67
C VAL A 88 -37.87 -21.69 1.44
N HIS A 89 -37.77 -22.52 2.49
CA HIS A 89 -38.93 -22.86 3.29
C HIS A 89 -39.52 -21.62 3.97
N GLN A 90 -38.65 -20.70 4.40
CA GLN A 90 -39.14 -19.50 5.09
C GLN A 90 -39.88 -18.57 4.14
N VAL A 91 -39.55 -18.60 2.85
CA VAL A 91 -40.25 -17.76 1.89
C VAL A 91 -41.62 -18.32 1.57
N LYS A 92 -41.71 -19.63 1.36
CA LYS A 92 -42.96 -20.25 0.95
C LYS A 92 -43.91 -20.52 2.11
N LYS A 93 -43.55 -20.16 3.34
CA LYS A 93 -44.43 -20.27 4.48
C LYS A 93 -44.94 -18.92 4.99
N PHE A 94 -44.35 -17.82 4.53
CA PHE A 94 -44.71 -16.48 4.99
C PHE A 94 -46.18 -16.17 4.74
N PRO A 109 -50.98 -7.89 -2.80
CA PRO A 109 -51.89 -7.62 -3.92
C PRO A 109 -51.43 -8.29 -5.21
N ASN A 110 -50.39 -7.74 -5.83
CA ASN A 110 -49.81 -8.30 -7.06
C ASN A 110 -48.61 -9.20 -6.77
N ALA A 111 -48.62 -9.87 -5.62
CA ALA A 111 -47.48 -10.70 -5.23
C ALA A 111 -47.37 -11.93 -6.12
N THR A 112 -46.13 -12.36 -6.35
CA THR A 112 -45.87 -13.56 -7.13
C THR A 112 -46.17 -14.78 -6.27
N LYS A 113 -47.29 -15.44 -6.55
CA LYS A 113 -47.77 -16.56 -5.75
C LYS A 113 -48.01 -17.77 -6.65
N ASP A 114 -47.84 -18.95 -6.07
CA ASP A 114 -48.02 -20.19 -6.80
C ASP A 114 -49.51 -20.57 -6.82
N SER A 115 -49.82 -21.78 -7.31
CA SER A 115 -51.20 -22.20 -7.43
C SER A 115 -51.89 -22.35 -6.08
N LYS A 116 -51.12 -22.66 -5.03
CA LYS A 116 -51.66 -22.80 -3.68
C LYS A 116 -51.52 -21.53 -2.85
N GLY A 117 -51.20 -20.40 -3.48
CA GLY A 117 -51.20 -19.12 -2.79
C GLY A 117 -49.97 -18.79 -1.99
N ARG A 118 -48.88 -19.53 -2.17
CA ARG A 118 -47.64 -19.25 -1.46
C ARG A 118 -46.71 -18.40 -2.33
N LEU A 119 -45.94 -17.54 -1.67
CA LEU A 119 -44.98 -16.71 -2.37
C LEU A 119 -43.94 -17.56 -3.09
N ARG A 120 -43.65 -17.20 -4.33
CA ARG A 120 -42.70 -17.95 -5.15
C ARG A 120 -41.28 -17.47 -4.89
N VAL A 121 -40.32 -18.35 -5.18
CA VAL A 121 -38.91 -18.06 -4.94
C VAL A 121 -38.09 -18.96 -5.84
N ALA A 122 -36.88 -18.50 -6.17
CA ALA A 122 -35.91 -19.27 -6.94
C ALA A 122 -34.72 -19.61 -6.06
N ALA A 123 -33.93 -20.59 -6.51
CA ALA A 123 -32.77 -21.05 -5.76
C ALA A 123 -31.63 -21.30 -6.72
N ALA A 124 -30.46 -20.78 -6.38
CA ALA A 124 -29.27 -20.94 -7.22
C ALA A 124 -28.54 -22.22 -6.84
N VAL A 125 -28.20 -23.01 -7.85
CA VAL A 125 -27.37 -24.20 -7.67
C VAL A 125 -26.18 -24.10 -8.61
N SER A 126 -25.10 -24.78 -8.26
CA SER A 126 -23.88 -24.79 -9.05
C SER A 126 -23.70 -26.15 -9.70
N VAL A 127 -22.60 -26.28 -10.44
CA VAL A 127 -22.33 -27.49 -11.21
C VAL A 127 -21.38 -28.42 -10.45
N ALA A 132 -27.35 -32.23 -7.30
CA ALA A 132 -27.04 -33.46 -6.60
C ALA A 132 -27.45 -33.37 -5.12
N ASP A 133 -26.73 -32.53 -4.37
CA ASP A 133 -27.01 -32.30 -2.96
C ASP A 133 -27.90 -31.10 -2.73
N ARG A 134 -28.49 -30.52 -3.78
CA ARG A 134 -29.30 -29.32 -3.63
C ARG A 134 -30.65 -29.45 -4.31
N VAL A 135 -30.65 -29.90 -5.56
CA VAL A 135 -31.87 -29.87 -6.38
C VAL A 135 -32.97 -30.73 -5.75
N GLY A 136 -32.61 -31.95 -5.36
CA GLY A 136 -33.55 -32.85 -4.72
C GLY A 136 -34.23 -32.23 -3.51
N PRO A 137 -33.44 -31.88 -2.50
CA PRO A 137 -34.03 -31.19 -1.33
C PRO A 137 -34.77 -29.91 -1.68
N LEU A 138 -34.28 -29.14 -2.65
CA LEU A 138 -34.99 -27.95 -3.08
C LEU A 138 -36.31 -28.30 -3.76
N PHE A 139 -36.38 -29.41 -4.47
CA PHE A 139 -37.61 -29.76 -5.18
C PHE A 139 -38.74 -30.11 -4.22
N ASP A 140 -38.41 -30.76 -3.10
CA ASP A 140 -39.41 -31.22 -2.14
C ASP A 140 -39.89 -30.13 -1.19
N VAL A 141 -39.20 -28.98 -1.14
CA VAL A 141 -39.71 -27.82 -0.43
C VAL A 141 -40.43 -26.92 -1.42
N ASN A 142 -40.75 -27.48 -2.59
CA ASN A 142 -41.59 -26.83 -3.59
C ASN A 142 -40.98 -25.54 -4.12
N VAL A 143 -39.67 -25.58 -4.43
CA VAL A 143 -39.04 -24.42 -5.05
C VAL A 143 -39.67 -24.19 -6.42
N ASP A 144 -39.83 -22.92 -6.80
CA ASP A 144 -40.53 -22.57 -8.02
C ASP A 144 -39.63 -22.56 -9.25
N LEU A 145 -38.32 -22.40 -9.08
CA LEU A 145 -37.41 -22.31 -10.20
C LEU A 145 -35.99 -22.57 -9.69
N VAL A 146 -35.28 -23.46 -10.38
CA VAL A 146 -33.89 -23.75 -10.07
C VAL A 146 -33.00 -23.03 -11.07
N VAL A 147 -32.00 -22.31 -10.55
CA VAL A 147 -31.14 -21.46 -11.37
C VAL A 147 -29.76 -22.09 -11.38
N VAL A 148 -29.36 -22.65 -12.53
CA VAL A 148 -28.00 -23.11 -12.73
C VAL A 148 -27.14 -21.89 -13.04
N ASP A 149 -26.59 -21.27 -12.00
CA ASP A 149 -25.86 -20.02 -12.12
C ASP A 149 -24.37 -20.31 -12.24
N THR A 150 -23.77 -19.92 -13.37
CA THR A 150 -22.36 -20.12 -13.62
C THR A 150 -21.84 -18.94 -14.43
N ALA A 151 -20.57 -18.59 -14.20
CA ALA A 151 -19.94 -17.52 -14.97
C ALA A 151 -19.78 -17.88 -16.44
N HIS A 152 -19.92 -19.15 -16.81
CA HIS A 152 -19.74 -19.59 -18.20
C HIS A 152 -20.74 -20.73 -18.45
N GLY A 153 -21.96 -20.37 -18.84
CA GLY A 153 -22.98 -21.37 -19.10
C GLY A 153 -22.74 -22.21 -20.33
N HIS A 154 -21.96 -21.71 -21.29
CA HIS A 154 -21.65 -22.46 -22.51
C HIS A 154 -20.47 -23.39 -22.25
N SER A 155 -20.72 -24.41 -21.44
CA SER A 155 -19.69 -25.37 -21.08
C SER A 155 -20.33 -26.74 -20.89
N GLN A 156 -19.50 -27.78 -21.00
CA GLN A 156 -20.00 -29.15 -20.94
C GLN A 156 -20.63 -29.45 -19.58
N LYS A 157 -20.04 -28.92 -18.51
CA LYS A 157 -20.58 -29.17 -17.18
C LYS A 157 -21.99 -28.61 -17.03
N VAL A 158 -22.22 -27.39 -17.50
CA VAL A 158 -23.54 -26.78 -17.39
C VAL A 158 -24.56 -27.55 -18.21
N LEU A 159 -24.17 -27.97 -19.42
CA LEU A 159 -25.09 -28.72 -20.27
C LEU A 159 -25.46 -30.06 -19.65
N ASP A 160 -24.49 -30.73 -19.02
CA ASP A 160 -24.80 -31.97 -18.32
C ASP A 160 -25.71 -31.73 -17.12
N ALA A 161 -25.47 -30.64 -16.39
CA ALA A 161 -26.30 -30.35 -15.22
C ALA A 161 -27.74 -30.05 -15.62
N VAL A 162 -27.93 -29.26 -16.69
CA VAL A 162 -29.27 -28.94 -17.14
C VAL A 162 -30.00 -30.19 -17.61
N VAL A 163 -29.29 -31.09 -18.30
CA VAL A 163 -29.91 -32.32 -18.80
C VAL A 163 -30.31 -33.23 -17.63
N GLN A 164 -29.40 -33.40 -16.66
CA GLN A 164 -29.69 -34.29 -15.55
C GLN A 164 -30.81 -33.77 -14.66
N ILE A 165 -30.91 -32.45 -14.48
CA ILE A 165 -31.97 -31.89 -13.65
C ILE A 165 -33.33 -32.12 -14.30
N LYS A 166 -33.43 -31.87 -15.61
CA LYS A 166 -34.70 -32.08 -16.30
C LYS A 166 -35.02 -33.56 -16.45
N LYS A 167 -33.98 -34.42 -16.50
CA LYS A 167 -34.23 -35.86 -16.58
C LYS A 167 -34.85 -36.38 -15.28
N ASN A 168 -34.34 -35.93 -14.13
CA ASN A 168 -34.86 -36.39 -12.85
C ASN A 168 -36.05 -35.59 -12.35
N PHE A 169 -36.12 -34.31 -12.70
CA PHE A 169 -37.21 -33.43 -12.26
C PHE A 169 -37.79 -32.73 -13.48
N PRO A 170 -38.62 -33.44 -14.26
CA PRO A 170 -39.18 -32.81 -15.47
C PRO A 170 -40.16 -31.69 -15.18
N SER A 171 -40.88 -31.74 -14.07
CA SER A 171 -41.86 -30.72 -13.73
C SER A 171 -41.24 -29.49 -13.09
N LEU A 172 -39.92 -29.38 -13.06
CA LEU A 172 -39.22 -28.29 -12.39
C LEU A 172 -38.64 -27.35 -13.43
N LEU A 173 -39.00 -26.07 -13.32
CA LEU A 173 -38.45 -25.07 -14.24
C LEU A 173 -36.99 -24.81 -13.94
N VAL A 174 -36.19 -24.62 -14.99
CA VAL A 174 -34.76 -24.43 -14.87
C VAL A 174 -34.35 -23.21 -15.69
N MET A 175 -33.58 -22.32 -15.08
CA MET A 175 -32.95 -21.22 -15.79
C MET A 175 -31.45 -21.41 -15.76
N ALA A 176 -30.83 -21.37 -16.94
CA ALA A 176 -29.39 -21.62 -17.07
C ALA A 176 -28.66 -20.37 -17.54
N GLY A 177 -27.39 -20.29 -17.16
CA GLY A 177 -26.56 -19.16 -17.53
C GLY A 177 -25.20 -19.29 -16.87
N ASN A 178 -24.35 -18.30 -17.17
CA ASN A 178 -24.69 -17.20 -18.05
C ASN A 178 -24.03 -17.36 -19.41
N ILE A 179 -24.72 -16.90 -20.45
CA ILE A 179 -24.21 -16.92 -21.82
C ILE A 179 -24.28 -15.51 -22.39
N ALA A 180 -23.56 -15.30 -23.49
CA ALA A 180 -23.54 -14.01 -24.15
C ALA A 180 -23.55 -14.11 -25.67
N THR A 181 -23.63 -15.30 -26.25
CA THR A 181 -23.61 -15.50 -27.69
C THR A 181 -24.84 -16.27 -28.12
N ALA A 182 -25.05 -16.33 -29.44
CA ALA A 182 -26.19 -17.06 -29.98
C ALA A 182 -25.97 -18.57 -29.89
N GLU A 183 -24.75 -19.03 -30.18
CA GLU A 183 -24.46 -20.46 -30.09
C GLU A 183 -24.55 -20.94 -28.65
N GLY A 184 -24.19 -20.09 -27.68
CA GLY A 184 -24.36 -20.47 -26.29
C GLY A 184 -25.82 -20.61 -25.90
N ALA A 185 -26.68 -19.74 -26.44
CA ALA A 185 -28.10 -19.86 -26.17
C ALA A 185 -28.69 -21.13 -26.79
N LEU A 186 -28.20 -21.51 -27.97
CA LEU A 186 -28.69 -22.73 -28.61
C LEU A 186 -28.31 -23.96 -27.80
N ALA A 187 -27.12 -23.95 -27.19
CA ALA A 187 -26.68 -25.10 -26.41
C ALA A 187 -27.55 -25.30 -25.17
N LEU A 188 -27.89 -24.21 -24.48
CA LEU A 188 -28.73 -24.33 -23.29
C LEU A 188 -30.14 -24.75 -23.65
N ILE A 189 -30.70 -24.18 -24.72
CA ILE A 189 -32.05 -24.56 -25.15
C ILE A 189 -32.08 -26.03 -25.55
N ASP A 190 -31.08 -26.47 -26.31
CA ASP A 190 -31.01 -27.89 -26.69
C ASP A 190 -30.82 -28.78 -25.48
N ALA A 191 -30.15 -28.27 -24.44
CA ALA A 191 -30.00 -29.03 -23.21
C ALA A 191 -31.29 -29.11 -22.40
N GLY A 192 -32.26 -28.25 -22.72
CA GLY A 192 -33.56 -28.28 -22.05
C GLY A 192 -33.86 -27.13 -21.12
N ALA A 193 -33.07 -26.05 -21.15
CA ALA A 193 -33.30 -24.93 -20.24
C ALA A 193 -34.60 -24.22 -20.58
N ASP A 194 -35.41 -23.95 -19.56
CA ASP A 194 -36.67 -23.23 -19.76
C ASP A 194 -36.45 -21.73 -19.87
N ILE A 195 -35.44 -21.19 -19.19
CA ILE A 195 -35.09 -19.77 -19.26
C ILE A 195 -33.58 -19.68 -19.41
N ILE A 196 -33.12 -18.71 -20.18
CA ILE A 196 -31.69 -18.45 -20.36
C ILE A 196 -31.37 -17.08 -19.78
N LYS A 197 -30.22 -16.98 -19.12
CA LYS A 197 -29.77 -15.74 -18.50
C LYS A 197 -28.56 -15.21 -19.26
N VAL A 198 -28.65 -13.96 -19.70
CA VAL A 198 -27.61 -13.32 -20.50
C VAL A 198 -26.77 -12.42 -19.61
N GLY A 199 -25.46 -12.59 -19.66
CA GLY A 199 -24.55 -11.79 -18.85
C GLY A 199 -23.11 -11.90 -19.27
N CYS A 206 -16.03 -4.19 -14.42
CA CYS A 206 -16.25 -5.58 -14.05
C CYS A 206 -14.94 -6.28 -13.72
N THR A 207 -14.95 -7.12 -12.68
CA THR A 207 -13.72 -7.79 -12.27
C THR A 207 -13.31 -8.86 -13.28
N THR A 208 -14.28 -9.60 -13.83
CA THR A 208 -13.94 -10.67 -14.77
C THR A 208 -13.34 -10.12 -16.05
N ARG A 209 -13.74 -8.91 -16.46
CA ARG A 209 -13.13 -8.29 -17.63
C ARG A 209 -11.66 -7.99 -17.40
N VAL A 210 -11.33 -7.44 -16.24
CA VAL A 210 -9.95 -7.06 -15.96
C VAL A 210 -9.09 -8.28 -15.65
N VAL A 211 -9.66 -9.29 -15.01
CA VAL A 211 -8.89 -10.47 -14.64
C VAL A 211 -8.63 -11.38 -15.84
N THR A 212 -9.66 -11.60 -16.67
CA THR A 212 -9.57 -12.57 -17.76
C THR A 212 -9.55 -11.94 -19.15
N GLY A 213 -10.01 -10.70 -19.30
CA GLY A 213 -10.15 -10.12 -20.62
C GLY A 213 -11.34 -10.62 -21.41
N VAL A 214 -12.18 -11.46 -20.82
CA VAL A 214 -13.34 -12.03 -21.48
C VAL A 214 -14.56 -11.20 -21.11
N GLY A 215 -15.46 -11.01 -22.08
CA GLY A 215 -16.67 -10.27 -21.83
C GLY A 215 -17.39 -9.95 -23.12
N CYS A 216 -18.60 -9.42 -22.97
CA CYS A 216 -19.42 -9.02 -24.10
C CYS A 216 -20.35 -7.92 -23.62
N PRO A 217 -20.36 -6.76 -24.28
CA PRO A 217 -21.30 -5.70 -23.89
C PRO A 217 -22.74 -6.21 -23.86
N GLN A 218 -23.47 -5.83 -22.81
CA GLN A 218 -24.73 -6.48 -22.49
C GLN A 218 -25.80 -6.21 -23.54
N LEU A 219 -25.81 -5.01 -24.14
CA LEU A 219 -26.84 -4.72 -25.14
C LEU A 219 -26.66 -5.60 -26.37
N SER A 220 -25.44 -5.68 -26.89
CA SER A 220 -25.22 -6.55 -28.05
C SER A 220 -25.41 -8.02 -27.69
N ALA A 221 -25.10 -8.40 -26.45
CA ALA A 221 -25.31 -9.79 -26.04
C ALA A 221 -26.79 -10.14 -26.00
N ILE A 222 -27.62 -9.24 -25.49
CA ILE A 222 -29.06 -9.48 -25.46
C ILE A 222 -29.61 -9.60 -26.87
N MET A 223 -29.23 -8.65 -27.75
CA MET A 223 -29.76 -8.66 -29.12
C MET A 223 -29.27 -9.86 -29.91
N SER A 224 -28.06 -10.35 -29.63
CA SER A 224 -27.55 -11.51 -30.35
C SER A 224 -28.24 -12.81 -29.95
N VAL A 225 -29.04 -12.79 -28.87
CA VAL A 225 -29.62 -14.00 -28.34
C VAL A 225 -31.14 -14.05 -28.50
N VAL A 226 -31.81 -12.88 -28.60
CA VAL A 226 -33.26 -12.86 -28.52
C VAL A 226 -33.91 -13.46 -29.75
N GLU A 227 -33.26 -13.38 -30.92
CA GLU A 227 -33.86 -13.95 -32.11
C GLU A 227 -33.79 -15.47 -32.11
N VAL A 228 -32.73 -16.04 -31.52
CA VAL A 228 -32.65 -17.48 -31.36
C VAL A 228 -33.56 -17.96 -30.24
N ALA A 229 -33.65 -17.18 -29.15
CA ALA A 229 -34.42 -17.61 -27.99
C ALA A 229 -35.91 -17.57 -28.28
N GLU A 230 -36.41 -16.46 -28.80
CA GLU A 230 -37.84 -16.33 -29.04
C GLU A 230 -38.32 -17.26 -30.15
N ARG A 231 -37.42 -17.73 -31.02
CA ARG A 231 -37.79 -18.77 -31.97
C ARG A 231 -38.08 -20.09 -31.27
N ALA A 232 -37.40 -20.36 -30.17
CA ALA A 232 -37.61 -21.57 -29.38
C ALA A 232 -38.63 -21.38 -28.27
N GLY A 233 -39.19 -20.18 -28.11
CA GLY A 233 -40.14 -19.93 -27.05
C GLY A 233 -39.53 -19.88 -25.67
N VAL A 234 -38.27 -19.44 -25.56
CA VAL A 234 -37.56 -19.37 -24.30
C VAL A 234 -37.35 -17.90 -23.94
N ALA A 235 -37.77 -17.52 -22.73
CA ALA A 235 -37.61 -16.15 -22.28
C ALA A 235 -36.15 -15.87 -21.91
N ILE A 236 -35.82 -14.58 -21.81
CA ILE A 236 -34.47 -14.13 -21.56
C ILE A 236 -34.46 -13.23 -20.35
N VAL A 237 -33.48 -13.43 -19.47
CA VAL A 237 -33.28 -12.60 -18.28
C VAL A 237 -31.94 -11.91 -18.42
N ALA A 238 -31.96 -10.58 -18.51
CA ALA A 238 -30.74 -9.78 -18.62
C ALA A 238 -30.10 -9.62 -17.25
N ASP A 239 -28.84 -10.05 -17.12
CA ASP A 239 -28.13 -10.04 -15.84
C ASP A 239 -26.83 -9.26 -16.01
N GLY A 240 -26.79 -8.05 -15.45
CA GLY A 240 -25.56 -7.27 -15.47
C GLY A 240 -25.66 -5.98 -16.26
N GLY A 241 -24.97 -4.94 -15.80
CA GLY A 241 -24.93 -3.67 -16.48
C GLY A 241 -26.06 -2.72 -16.15
N ILE A 242 -26.93 -3.07 -15.20
CA ILE A 242 -28.08 -2.24 -14.86
C ILE A 242 -27.66 -1.29 -13.75
N ARG A 243 -27.52 0.00 -14.08
CA ARG A 243 -27.21 1.03 -13.11
C ARG A 243 -28.43 1.84 -12.67
N PHE A 244 -29.35 2.10 -13.60
CA PHE A 244 -30.53 2.90 -13.32
C PHE A 244 -31.75 2.26 -13.96
N SER A 245 -32.92 2.85 -13.73
CA SER A 245 -34.16 2.33 -14.30
C SER A 245 -34.19 2.47 -15.81
N GLY A 246 -33.44 3.42 -16.38
CA GLY A 246 -33.38 3.53 -17.82
C GLY A 246 -32.73 2.32 -18.48
N ASP A 247 -31.75 1.72 -17.79
CA ASP A 247 -31.13 0.51 -18.31
C ASP A 247 -32.12 -0.66 -18.33
N ILE A 248 -33.01 -0.72 -17.34
CA ILE A 248 -34.04 -1.76 -17.35
C ILE A 248 -34.93 -1.61 -18.58
N ALA A 249 -35.31 -0.37 -18.90
CA ALA A 249 -36.13 -0.13 -20.08
C ALA A 249 -35.41 -0.57 -21.36
N LYS A 250 -34.13 -0.24 -21.48
CA LYS A 250 -33.39 -0.63 -22.68
C LYS A 250 -33.25 -2.14 -22.78
N ALA A 251 -32.93 -2.80 -21.66
CA ALA A 251 -32.78 -4.26 -21.69
C ALA A 251 -34.08 -4.95 -22.06
N ILE A 252 -35.20 -4.49 -21.50
CA ILE A 252 -36.50 -5.07 -21.83
C ILE A 252 -36.88 -4.76 -23.27
N ALA A 253 -36.68 -3.51 -23.70
CA ALA A 253 -36.98 -3.15 -25.08
C ALA A 253 -36.12 -3.92 -26.06
N ALA A 254 -34.90 -4.28 -25.67
CA ALA A 254 -34.01 -5.06 -26.54
C ALA A 254 -34.50 -6.49 -26.73
N GLY A 255 -35.36 -6.99 -25.84
CA GLY A 255 -35.93 -8.31 -26.05
C GLY A 255 -35.99 -9.19 -24.82
N SER A 256 -35.29 -8.80 -23.74
CA SER A 256 -35.30 -9.63 -22.54
C SER A 256 -36.63 -9.47 -21.80
N ALA A 257 -37.14 -10.59 -21.28
CA ALA A 257 -38.43 -10.58 -20.60
C ALA A 257 -38.34 -10.06 -19.17
N CYS A 258 -37.13 -10.00 -18.61
CA CYS A 258 -36.95 -9.64 -17.22
C CYS A 258 -35.48 -9.30 -17.00
N VAL A 259 -35.21 -8.47 -16.00
CA VAL A 259 -33.86 -8.09 -15.66
C VAL A 259 -33.53 -8.63 -14.28
N MET A 260 -32.23 -8.84 -14.05
CA MET A 260 -31.72 -9.27 -12.75
C MET A 260 -30.76 -8.19 -12.24
N ILE A 261 -31.04 -7.68 -11.04
CA ILE A 261 -30.22 -6.64 -10.44
C ILE A 261 -29.68 -7.16 -9.10
N GLY A 262 -28.48 -6.71 -8.76
CA GLY A 262 -27.83 -7.16 -7.54
C GLY A 262 -27.44 -6.03 -6.61
N SER A 263 -26.42 -5.26 -7.01
CA SER A 263 -25.90 -4.21 -6.13
C SER A 263 -26.91 -3.09 -5.90
N LEU A 264 -27.90 -2.94 -6.78
CA LEU A 264 -28.91 -1.91 -6.58
C LEU A 264 -29.83 -2.23 -5.40
N LEU A 265 -29.84 -3.48 -4.94
CA LEU A 265 -30.66 -3.88 -3.80
C LEU A 265 -29.83 -4.27 -2.58
N ALA A 266 -28.53 -3.95 -2.58
CA ALA A 266 -27.65 -4.44 -1.53
C ALA A 266 -27.77 -3.65 -0.25
N GLY A 267 -28.15 -2.37 -0.32
CA GLY A 267 -28.18 -1.54 0.87
C GLY A 267 -29.55 -1.36 1.50
N THR A 268 -30.49 -2.23 1.16
CA THR A 268 -31.85 -2.10 1.66
C THR A 268 -32.01 -2.82 3.00
N ASP A 269 -33.17 -2.60 3.63
CA ASP A 269 -33.46 -3.26 4.91
C ASP A 269 -33.49 -4.77 4.75
N GLU A 270 -34.30 -5.25 3.81
CA GLU A 270 -34.46 -6.69 3.59
C GLU A 270 -33.17 -7.33 3.08
N SER A 271 -32.23 -6.54 2.59
CA SER A 271 -30.92 -7.06 2.25
C SER A 271 -30.20 -7.52 3.52
N PRO A 272 -29.35 -8.55 3.41
CA PRO A 272 -28.64 -9.04 4.59
C PRO A 272 -27.72 -7.99 5.18
N GLY A 273 -27.35 -8.21 6.43
CA GLY A 273 -26.45 -7.32 7.13
C GLY A 273 -27.17 -6.32 8.02
N ASP A 274 -26.37 -5.41 8.59
CA ASP A 274 -26.87 -4.35 9.44
C ASP A 274 -26.28 -2.99 9.10
N ILE A 275 -25.78 -2.84 7.88
CA ILE A 275 -25.17 -1.58 7.43
C ILE A 275 -26.20 -0.46 7.41
N PRO A 324 -23.34 1.42 2.00
CA PRO A 324 -24.28 2.41 1.51
C PRO A 324 -25.74 1.99 1.72
N TYR A 325 -26.32 2.41 2.84
CA TYR A 325 -27.69 2.06 3.18
C TYR A 325 -28.66 2.72 2.20
N LYS A 326 -29.64 1.95 1.75
CA LYS A 326 -30.54 2.38 0.68
C LYS A 326 -31.99 2.54 1.11
N GLY A 327 -32.40 1.97 2.24
CA GLY A 327 -33.76 2.14 2.72
C GLY A 327 -34.68 1.01 2.34
N PRO A 328 -35.99 1.26 2.37
CA PRO A 328 -36.95 0.20 2.07
C PRO A 328 -36.83 -0.27 0.61
N ILE A 329 -36.91 -1.60 0.44
CA ILE A 329 -36.81 -2.18 -0.89
C ILE A 329 -38.01 -1.81 -1.74
N ALA A 330 -39.16 -1.54 -1.11
CA ALA A 330 -40.36 -1.21 -1.87
C ALA A 330 -40.21 0.10 -2.63
N SER A 331 -39.53 1.08 -2.04
CA SER A 331 -39.34 2.36 -2.71
C SER A 331 -38.31 2.25 -3.83
N VAL A 332 -37.29 1.40 -3.66
CA VAL A 332 -36.32 1.19 -4.73
C VAL A 332 -36.99 0.53 -5.93
N LEU A 333 -37.79 -0.52 -5.68
CA LEU A 333 -38.50 -1.18 -6.77
C LEU A 333 -39.59 -0.31 -7.35
N HIS A 334 -40.22 0.53 -6.52
CA HIS A 334 -41.23 1.46 -7.04
C HIS A 334 -40.61 2.50 -7.95
N GLN A 335 -39.36 2.90 -7.69
CA GLN A 335 -38.68 3.83 -8.57
C GLN A 335 -38.34 3.18 -9.90
N MET A 336 -37.91 1.90 -9.87
CA MET A 336 -37.57 1.21 -11.12
C MET A 336 -38.82 0.96 -11.96
N SER A 337 -39.92 0.57 -11.32
CA SER A 337 -41.16 0.37 -12.08
C SER A 337 -41.71 1.68 -12.60
N GLY A 338 -41.47 2.78 -11.88
CA GLY A 338 -41.94 4.07 -12.36
C GLY A 338 -41.18 4.54 -13.59
N GLY A 339 -39.86 4.37 -13.60
CA GLY A 339 -39.08 4.73 -14.77
C GLY A 339 -39.37 3.85 -15.97
N LEU A 340 -39.65 2.57 -15.72
CA LEU A 340 -40.01 1.68 -16.83
C LEU A 340 -41.36 2.07 -17.42
N LYS A 341 -42.33 2.44 -16.58
CA LYS A 341 -43.63 2.87 -17.09
C LYS A 341 -43.51 4.21 -17.82
N SER A 342 -42.72 5.13 -17.29
CA SER A 342 -42.53 6.41 -17.95
C SER A 342 -41.79 6.24 -19.29
N SER A 343 -40.88 5.27 -19.36
CA SER A 343 -40.18 5.00 -20.61
C SER A 343 -41.11 4.44 -21.68
N MET A 344 -41.97 3.49 -21.30
CA MET A 344 -42.91 2.93 -22.26
C MET A 344 -43.94 3.96 -22.69
N GLY A 345 -44.21 4.96 -21.85
CA GLY A 345 -45.08 6.05 -22.26
C GLY A 345 -44.46 6.89 -23.37
N TYR A 346 -43.15 7.10 -23.31
CA TYR A 346 -42.46 7.82 -24.37
C TYR A 346 -42.51 7.07 -25.69
N VAL A 347 -42.57 5.73 -25.63
CA VAL A 347 -42.63 4.91 -26.84
C VAL A 347 -44.06 4.64 -27.28
N GLY A 348 -45.05 4.98 -26.45
CA GLY A 348 -46.43 4.74 -26.81
C GLY A 348 -46.89 3.31 -26.65
N ALA A 349 -46.33 2.59 -25.68
CA ALA A 349 -46.65 1.19 -25.47
C ALA A 349 -47.44 1.02 -24.17
N SER A 350 -48.33 0.03 -24.16
CA SER A 350 -49.13 -0.27 -22.98
C SER A 350 -48.71 -1.54 -22.28
N ASN A 351 -47.98 -2.44 -22.94
CA ASN A 351 -47.49 -3.66 -22.34
C ASN A 351 -46.10 -3.95 -22.88
N ILE A 352 -45.47 -5.00 -22.34
CA ILE A 352 -44.09 -5.31 -22.71
C ILE A 352 -43.99 -5.74 -24.16
N GLU A 353 -44.98 -6.49 -24.65
CA GLU A 353 -44.93 -6.96 -26.03
C GLU A 353 -45.00 -5.79 -27.02
N GLU A 354 -45.89 -4.82 -26.77
CA GLU A 354 -45.91 -3.62 -27.60
C GLU A 354 -44.63 -2.81 -27.43
N PHE A 355 -44.05 -2.82 -26.23
CA PHE A 355 -42.81 -2.10 -25.99
C PHE A 355 -41.69 -2.63 -26.88
N GLN A 356 -41.54 -3.95 -26.92
CA GLN A 356 -40.49 -4.57 -27.73
C GLN A 356 -40.78 -4.52 -29.22
N LYS A 357 -41.97 -4.11 -29.62
CA LYS A 357 -42.30 -3.98 -31.04
C LYS A 357 -42.27 -2.55 -31.55
N LYS A 358 -42.47 -1.56 -30.66
CA LYS A 358 -42.42 -0.17 -31.04
C LYS A 358 -41.08 0.48 -30.79
N ALA A 359 -40.24 -0.09 -29.93
CA ALA A 359 -39.01 0.56 -29.50
C ALA A 359 -38.00 0.62 -30.63
N ASN A 360 -37.38 1.79 -30.80
CA ASN A 360 -36.27 1.98 -31.72
C ASN A 360 -35.12 2.61 -30.95
N PHE A 361 -33.90 2.15 -31.23
CA PHE A 361 -32.71 2.63 -30.54
C PHE A 361 -32.00 3.68 -31.38
N ILE A 362 -31.56 4.76 -30.74
CA ILE A 362 -30.79 5.82 -31.37
C ILE A 362 -29.37 5.75 -30.81
N ARG A 363 -28.40 5.52 -31.69
CA ARG A 363 -27.01 5.42 -31.27
C ARG A 363 -26.45 6.80 -30.96
N VAL A 364 -25.92 6.97 -29.76
CA VAL A 364 -25.44 8.26 -29.29
C VAL A 364 -23.91 8.30 -29.37
N SER A 365 -23.36 9.50 -29.51
CA SER A 365 -21.93 9.68 -29.64
C SER A 365 -21.26 9.65 -28.26
N VAL A 366 -19.93 9.73 -28.26
CA VAL A 366 -19.18 9.71 -27.02
C VAL A 366 -19.48 10.93 -26.17
N ALA A 367 -19.66 12.09 -26.81
CA ALA A 367 -19.98 13.32 -26.11
C ALA A 367 -21.46 13.45 -25.79
N GLY A 368 -22.29 12.50 -26.22
CA GLY A 368 -23.72 12.58 -25.99
C GLY A 368 -24.15 12.03 -24.64
N LEU A 369 -23.47 12.43 -23.57
CA LEU A 369 -23.82 11.98 -22.24
C LEU A 369 -25.09 12.67 -21.74
N VAL B 12 -8.49 2.10 -37.27
CA VAL B 12 -7.52 2.58 -36.31
C VAL B 12 -6.76 1.41 -35.68
N ALA B 13 -5.60 1.71 -35.10
CA ALA B 13 -4.81 0.69 -34.42
C ALA B 13 -5.31 0.50 -33.00
N LEU B 14 -5.52 -0.75 -32.61
CA LEU B 14 -6.17 -1.09 -31.36
C LEU B 14 -5.16 -1.47 -30.28
N THR B 15 -5.50 -1.12 -29.05
CA THR B 15 -4.75 -1.54 -27.88
C THR B 15 -5.56 -2.60 -27.11
N PHE B 16 -5.04 -3.01 -25.96
CA PHE B 16 -5.68 -4.08 -25.19
C PHE B 16 -7.07 -3.66 -24.71
N ASP B 17 -7.23 -2.40 -24.31
CA ASP B 17 -8.51 -1.92 -23.80
C ASP B 17 -9.59 -1.80 -24.88
N ASP B 18 -9.24 -1.99 -26.15
CA ASP B 18 -10.19 -1.84 -27.23
C ASP B 18 -10.98 -3.12 -27.53
N VAL B 19 -10.55 -4.26 -27.01
CA VAL B 19 -11.15 -5.54 -27.38
C VAL B 19 -11.48 -6.33 -26.12
N LEU B 20 -12.27 -7.39 -26.32
CA LEU B 20 -12.56 -8.38 -25.30
C LEU B 20 -12.54 -9.75 -25.93
N LEU B 21 -12.16 -10.75 -25.15
CA LEU B 21 -12.17 -12.13 -25.63
C LEU B 21 -13.59 -12.66 -25.60
N ARG B 22 -13.96 -13.37 -26.67
CA ARG B 22 -15.33 -13.86 -26.78
C ARG B 22 -15.47 -15.22 -26.09
N PRO B 23 -16.54 -15.41 -25.31
CA PRO B 23 -16.75 -16.72 -24.67
C PRO B 23 -17.11 -17.78 -25.72
N GLU B 24 -16.42 -18.90 -25.67
CA GLU B 24 -16.67 -20.03 -26.56
C GLU B 24 -17.06 -21.25 -25.74
N PHE B 25 -17.52 -22.29 -26.43
CA PHE B 25 -17.83 -23.54 -25.77
C PHE B 25 -16.57 -24.13 -25.15
N SER B 26 -16.72 -24.71 -23.96
CA SER B 26 -15.58 -25.24 -23.22
C SER B 26 -15.95 -26.58 -22.59
N ASN B 27 -14.96 -27.48 -22.55
CA ASN B 27 -15.10 -28.75 -21.85
C ASN B 27 -13.90 -29.02 -20.95
N VAL B 28 -13.15 -27.98 -20.59
CA VAL B 28 -11.94 -28.11 -19.78
C VAL B 28 -12.08 -27.26 -18.53
N LEU B 29 -11.65 -27.80 -17.42
CA LEU B 29 -11.60 -26.97 -16.23
C LEU B 29 -10.21 -26.34 -16.09
N PRO B 30 -10.13 -25.13 -15.52
CA PRO B 30 -8.83 -24.46 -15.40
C PRO B 30 -7.82 -25.21 -14.55
N ARG B 31 -8.23 -26.34 -13.98
CA ARG B 31 -7.32 -27.15 -13.17
C ARG B 31 -6.30 -27.87 -14.05
N ASP B 32 -6.71 -28.31 -15.24
CA ASP B 32 -5.84 -29.07 -16.15
C ASP B 32 -5.53 -28.27 -17.42
N ILE B 33 -5.34 -26.97 -17.28
CA ILE B 33 -5.00 -26.11 -18.41
C ILE B 33 -3.50 -25.88 -18.42
N ASP B 34 -2.87 -26.16 -19.55
CA ASP B 34 -1.42 -26.08 -19.70
C ASP B 34 -1.06 -24.71 -20.26
N ILE B 35 -0.41 -23.89 -19.45
CA ILE B 35 -0.01 -22.55 -19.87
C ILE B 35 1.48 -22.48 -20.22
N SER B 36 2.12 -23.64 -20.42
CA SER B 36 3.51 -23.65 -20.81
C SER B 36 3.67 -23.14 -22.24
N THR B 37 4.83 -22.56 -22.53
CA THR B 37 5.10 -21.97 -23.83
C THR B 37 6.54 -22.25 -24.22
N ARG B 38 6.79 -22.28 -25.54
CA ARG B 38 8.11 -22.55 -26.08
C ARG B 38 8.61 -21.27 -26.74
N ILE B 39 9.65 -20.68 -26.16
CA ILE B 39 10.21 -19.45 -26.71
C ILE B 39 11.38 -19.70 -27.66
N ALA B 40 11.99 -20.87 -27.60
CA ALA B 40 13.10 -21.25 -28.48
C ALA B 40 13.28 -22.76 -28.39
N LYS B 41 14.18 -23.28 -29.21
CA LYS B 41 14.46 -24.72 -29.18
C LYS B 41 15.12 -25.09 -27.86
N ASP B 42 14.58 -26.13 -27.21
CA ASP B 42 15.05 -26.59 -25.90
C ASP B 42 14.96 -25.49 -24.85
N PHE B 43 13.97 -24.60 -24.98
CA PHE B 43 13.78 -23.50 -24.03
C PHE B 43 12.28 -23.26 -23.92
N THR B 44 11.66 -23.87 -22.90
CA THR B 44 10.24 -23.71 -22.64
C THR B 44 10.03 -23.23 -21.21
N LEU B 45 9.09 -22.30 -21.03
CA LEU B 45 8.74 -21.78 -19.72
C LEU B 45 7.39 -22.34 -19.31
N ASN B 46 7.29 -22.76 -18.03
CA ASN B 46 6.02 -23.19 -17.49
C ASN B 46 5.08 -22.03 -17.18
N LEU B 47 5.63 -20.84 -16.93
CA LEU B 47 4.85 -19.64 -16.71
C LEU B 47 5.22 -18.63 -17.79
N PRO B 48 4.31 -18.28 -18.71
CA PRO B 48 4.69 -17.40 -19.82
C PRO B 48 4.86 -15.95 -19.40
N ILE B 49 5.77 -15.71 -18.46
CA ILE B 49 6.00 -14.37 -17.92
C ILE B 49 7.51 -14.16 -17.81
N MET B 50 7.98 -12.99 -18.26
CA MET B 50 9.37 -12.59 -18.12
C MET B 50 9.41 -11.24 -17.45
N SER B 51 10.34 -11.08 -16.50
CA SER B 51 10.51 -9.80 -15.83
C SER B 51 11.39 -8.88 -16.67
N ALA B 52 11.03 -7.60 -16.68
CA ALA B 52 11.72 -6.63 -17.53
C ALA B 52 13.11 -6.33 -16.99
N ALA B 53 13.96 -5.81 -17.88
CA ALA B 53 15.33 -5.42 -17.52
C ALA B 53 15.33 -3.98 -17.01
N MET B 54 14.74 -3.82 -15.82
CA MET B 54 14.66 -2.52 -15.15
C MET B 54 15.29 -2.66 -13.76
N ASP B 55 16.01 -1.61 -13.34
CA ASP B 55 16.79 -1.69 -12.11
C ASP B 55 15.91 -1.80 -10.86
N GLN B 56 14.64 -1.40 -10.95
CA GLN B 56 13.71 -1.56 -9.84
C GLN B 56 12.96 -2.88 -9.89
N VAL B 57 13.30 -3.77 -10.83
CA VAL B 57 12.56 -5.01 -11.01
C VAL B 57 13.48 -6.21 -10.88
N THR B 58 14.29 -6.48 -11.89
CA THR B 58 15.02 -7.75 -11.99
C THR B 58 16.37 -7.64 -11.30
N ASP B 59 16.44 -8.13 -10.07
CA ASP B 59 17.69 -8.41 -9.39
C ASP B 59 18.08 -9.85 -9.69
N SER B 60 19.12 -10.36 -9.03
CA SER B 60 19.33 -11.80 -9.03
C SER B 60 18.32 -12.50 -8.14
N ARG B 61 17.89 -11.83 -7.06
CA ARG B 61 16.88 -12.41 -6.17
C ARG B 61 15.54 -12.54 -6.89
N LEU B 62 15.13 -11.50 -7.61
CA LEU B 62 13.87 -11.58 -8.34
C LEU B 62 13.96 -12.55 -9.50
N ALA B 63 15.12 -12.60 -10.17
CA ALA B 63 15.30 -13.55 -11.27
C ALA B 63 15.22 -14.98 -10.77
N ILE B 64 15.72 -15.25 -9.57
CA ILE B 64 15.59 -16.59 -8.98
C ILE B 64 14.14 -16.90 -8.71
N ALA B 65 13.39 -15.95 -8.15
CA ALA B 65 11.97 -16.16 -7.90
C ALA B 65 11.19 -16.32 -9.20
N MET B 66 11.60 -15.63 -10.26
CA MET B 66 10.94 -15.79 -11.55
C MET B 66 11.18 -17.18 -12.12
N ALA B 67 12.44 -17.65 -12.08
CA ALA B 67 12.76 -18.96 -12.64
C ALA B 67 12.16 -20.09 -11.81
N GLN B 68 12.01 -19.88 -10.50
CA GLN B 68 11.42 -20.92 -9.66
C GLN B 68 9.92 -21.05 -9.89
N ALA B 69 9.24 -19.95 -10.24
CA ALA B 69 7.81 -19.99 -10.51
C ALA B 69 7.48 -20.52 -11.91
N GLY B 70 8.49 -20.75 -12.75
CA GLY B 70 8.27 -21.20 -14.10
C GLY B 70 8.47 -20.13 -15.15
N GLY B 71 8.83 -18.92 -14.77
CA GLY B 71 9.08 -17.82 -15.68
C GLY B 71 10.55 -17.64 -15.98
N LEU B 72 10.95 -16.39 -16.18
CA LEU B 72 12.34 -16.07 -16.52
C LEU B 72 12.61 -14.62 -16.16
N GLY B 73 13.85 -14.36 -15.73
CA GLY B 73 14.28 -13.02 -15.39
C GLY B 73 15.31 -12.50 -16.37
N VAL B 74 15.29 -11.20 -16.60
CA VAL B 74 16.23 -10.52 -17.49
C VAL B 74 16.99 -9.52 -16.65
N ILE B 75 18.19 -9.90 -16.18
CA ILE B 75 19.01 -9.01 -15.36
C ILE B 75 19.26 -7.71 -16.12
N HIS B 76 18.93 -6.59 -15.48
CA HIS B 76 19.08 -5.30 -16.14
C HIS B 76 20.55 -4.94 -16.32
N ARG B 77 20.79 -3.96 -17.18
CA ARG B 77 22.14 -3.57 -17.57
C ARG B 77 22.55 -2.22 -17.00
N ASN B 78 21.76 -1.64 -16.08
CA ASN B 78 22.27 -0.51 -15.33
C ASN B 78 23.31 -0.93 -14.30
N PHE B 79 23.38 -2.23 -14.01
CA PHE B 79 24.57 -2.79 -13.40
C PHE B 79 25.79 -2.51 -14.26
N SER B 80 26.96 -2.42 -13.63
CA SER B 80 28.19 -2.47 -14.40
C SER B 80 28.33 -3.86 -15.02
N PRO B 81 29.09 -3.97 -16.12
CA PRO B 81 29.28 -5.30 -16.72
C PRO B 81 29.78 -6.35 -15.73
N SER B 82 30.68 -5.97 -14.82
CA SER B 82 31.14 -6.92 -13.80
C SER B 82 30.04 -7.24 -12.80
N GLU B 83 29.24 -6.24 -12.44
CA GLU B 83 28.12 -6.48 -11.54
C GLU B 83 27.08 -7.39 -12.17
N GLN B 84 26.81 -7.21 -13.46
CA GLN B 84 25.80 -8.03 -14.14
C GLN B 84 26.24 -9.48 -14.24
N VAL B 85 27.54 -9.71 -14.44
CA VAL B 85 28.06 -11.07 -14.47
C VAL B 85 27.92 -11.73 -13.10
N ALA B 86 28.13 -10.97 -12.03
CA ALA B 86 27.98 -11.51 -10.68
C ALA B 86 26.53 -11.84 -10.38
N GLN B 87 25.59 -11.02 -10.87
CA GLN B 87 24.18 -11.31 -10.65
C GLN B 87 23.77 -12.58 -11.39
N VAL B 88 24.24 -12.76 -12.62
CA VAL B 88 23.94 -13.98 -13.35
C VAL B 88 24.55 -15.20 -12.66
N HIS B 89 25.76 -15.04 -12.12
CA HIS B 89 26.41 -16.13 -11.40
C HIS B 89 25.57 -16.56 -10.20
N GLN B 90 25.00 -15.59 -9.47
CA GLN B 90 24.22 -15.93 -8.28
C GLN B 90 22.95 -16.70 -8.63
N VAL B 91 22.40 -16.49 -9.82
CA VAL B 91 21.19 -17.20 -10.21
C VAL B 91 21.53 -18.63 -10.65
N LYS B 92 22.57 -18.78 -11.47
CA LYS B 92 22.95 -20.11 -11.96
C LYS B 92 23.43 -21.02 -10.84
N LYS B 93 23.98 -20.45 -9.76
CA LYS B 93 24.51 -21.25 -8.67
C LYS B 93 23.51 -21.53 -7.57
N PHE B 94 22.33 -20.89 -7.60
CA PHE B 94 21.32 -21.12 -6.57
C PHE B 94 20.80 -22.55 -6.63
N PRO B 109 10.27 -27.94 -8.59
CA PRO B 109 8.89 -28.06 -9.07
C PRO B 109 8.77 -27.74 -10.56
N ASN B 110 7.96 -26.72 -10.88
CA ASN B 110 7.81 -26.25 -12.25
C ASN B 110 8.88 -25.26 -12.65
N ALA B 111 10.03 -25.27 -11.97
CA ALA B 111 11.06 -24.28 -12.22
C ALA B 111 11.71 -24.48 -13.59
N THR B 112 12.08 -23.36 -14.21
CA THR B 112 12.74 -23.39 -15.51
C THR B 112 14.24 -23.59 -15.29
N LYS B 113 14.73 -24.78 -15.64
CA LYS B 113 16.13 -25.14 -15.45
C LYS B 113 16.76 -25.55 -16.77
N ASP B 114 18.07 -25.52 -16.81
CA ASP B 114 18.82 -25.92 -18.00
C ASP B 114 19.11 -27.42 -17.94
N SER B 115 19.99 -27.89 -18.82
CA SER B 115 20.32 -29.31 -18.85
C SER B 115 21.05 -29.75 -17.59
N LYS B 116 21.82 -28.85 -16.98
CA LYS B 116 22.56 -29.15 -15.76
C LYS B 116 21.73 -28.97 -14.50
N GLY B 117 20.44 -28.69 -14.64
CA GLY B 117 19.58 -28.54 -13.48
C GLY B 117 19.70 -27.22 -12.76
N ARG B 118 20.28 -26.20 -13.39
CA ARG B 118 20.45 -24.89 -12.78
C ARG B 118 19.37 -23.93 -13.30
N LEU B 119 18.97 -23.00 -12.44
CA LEU B 119 17.97 -22.02 -12.83
C LEU B 119 18.46 -21.20 -14.02
N ARG B 120 17.54 -20.91 -14.93
CA ARG B 120 17.86 -20.14 -16.12
C ARG B 120 17.66 -18.65 -15.86
N VAL B 121 18.37 -17.83 -16.63
CA VAL B 121 18.33 -16.38 -16.44
C VAL B 121 18.76 -15.73 -17.75
N ALA B 122 18.27 -14.50 -17.96
CA ALA B 122 18.65 -13.70 -19.12
C ALA B 122 19.34 -12.43 -18.66
N ALA B 123 20.00 -11.76 -19.59
CA ALA B 123 20.70 -10.52 -19.31
C ALA B 123 20.63 -9.61 -20.51
N ALA B 124 20.56 -8.31 -20.25
CA ALA B 124 20.37 -7.31 -21.29
C ALA B 124 21.67 -6.61 -21.62
N VAL B 125 21.88 -6.35 -22.91
CA VAL B 125 23.01 -5.58 -23.41
C VAL B 125 22.45 -4.47 -24.30
N SER B 126 23.28 -3.44 -24.54
CA SER B 126 22.83 -2.22 -25.20
C SER B 126 23.82 -1.83 -26.31
N VAL B 127 23.84 -2.62 -27.38
CA VAL B 127 24.58 -2.28 -28.60
C VAL B 127 26.05 -1.96 -28.33
N ALA B 132 29.99 -5.62 -26.19
CA ALA B 132 31.40 -5.95 -26.39
C ALA B 132 32.04 -6.44 -25.10
N ASP B 133 31.79 -5.71 -24.01
CA ASP B 133 32.33 -6.04 -22.69
C ASP B 133 31.36 -6.84 -21.84
N ARG B 134 30.24 -7.29 -22.41
CA ARG B 134 29.21 -7.98 -21.65
C ARG B 134 28.95 -9.39 -22.16
N VAL B 135 28.74 -9.55 -23.47
CA VAL B 135 28.28 -10.84 -24.00
C VAL B 135 29.32 -11.94 -23.74
N GLY B 136 30.60 -11.60 -23.88
CA GLY B 136 31.67 -12.53 -23.59
C GLY B 136 31.62 -13.07 -22.17
N PRO B 137 31.81 -12.18 -21.18
CA PRO B 137 31.75 -12.64 -19.78
C PRO B 137 30.42 -13.28 -19.40
N LEU B 138 29.31 -12.82 -19.97
CA LEU B 138 28.02 -13.43 -19.67
C LEU B 138 27.91 -14.82 -20.26
N PHE B 139 28.50 -15.04 -21.43
CA PHE B 139 28.55 -16.39 -22.00
C PHE B 139 29.40 -17.32 -21.17
N ASP B 140 30.46 -16.78 -20.53
CA ASP B 140 31.34 -17.63 -19.74
C ASP B 140 30.69 -18.09 -18.44
N VAL B 141 29.74 -17.32 -17.92
CA VAL B 141 28.99 -17.71 -16.73
C VAL B 141 27.68 -18.40 -17.09
N ASN B 142 27.55 -18.88 -18.33
CA ASN B 142 26.43 -19.71 -18.77
C ASN B 142 25.10 -18.99 -18.64
N VAL B 143 25.02 -17.79 -19.22
CA VAL B 143 23.74 -17.10 -19.32
C VAL B 143 22.88 -17.82 -20.35
N ASP B 144 21.58 -17.91 -20.09
CA ASP B 144 20.69 -18.68 -20.94
C ASP B 144 20.14 -17.90 -22.13
N LEU B 145 20.18 -16.57 -22.07
CA LEU B 145 19.61 -15.74 -23.12
C LEU B 145 20.17 -14.33 -23.01
N VAL B 146 20.66 -13.80 -24.13
CA VAL B 146 21.12 -12.43 -24.21
C VAL B 146 20.03 -11.59 -24.86
N VAL B 147 19.71 -10.46 -24.24
CA VAL B 147 18.62 -9.60 -24.68
C VAL B 147 19.22 -8.29 -25.17
N VAL B 148 19.20 -8.09 -26.49
CA VAL B 148 19.57 -6.80 -27.08
C VAL B 148 18.38 -5.86 -26.88
N ASP B 149 18.44 -5.07 -25.81
CA ASP B 149 17.32 -4.23 -25.39
C ASP B 149 17.59 -2.78 -25.75
N THR B 150 16.71 -2.19 -26.54
CA THR B 150 16.80 -0.78 -26.89
C THR B 150 15.42 -0.25 -27.23
N ALA B 151 15.32 1.08 -27.30
CA ALA B 151 14.03 1.73 -27.56
C ALA B 151 13.59 1.60 -29.01
N HIS B 152 14.52 1.36 -29.93
CA HIS B 152 14.22 1.29 -31.37
C HIS B 152 15.08 0.19 -31.99
N GLY B 153 14.59 -1.05 -31.94
CA GLY B 153 15.34 -2.17 -32.47
C GLY B 153 15.47 -2.17 -33.97
N HIS B 154 14.61 -1.44 -34.67
CA HIS B 154 14.67 -1.35 -36.14
C HIS B 154 15.68 -0.29 -36.58
N SER B 155 16.94 -0.52 -36.22
CA SER B 155 18.01 0.39 -36.54
C SER B 155 19.27 -0.40 -36.89
N GLN B 156 20.20 0.28 -37.57
CA GLN B 156 21.40 -0.39 -38.05
C GLN B 156 22.29 -0.82 -36.89
N LYS B 157 22.40 -0.01 -35.84
CA LYS B 157 23.24 -0.35 -34.71
C LYS B 157 22.77 -1.63 -34.03
N VAL B 158 21.46 -1.85 -34.00
CA VAL B 158 20.92 -3.05 -33.36
C VAL B 158 21.12 -4.27 -34.25
N LEU B 159 20.91 -4.11 -35.56
CA LEU B 159 21.09 -5.23 -36.47
C LEU B 159 22.55 -5.67 -36.51
N ASP B 160 23.48 -4.73 -36.45
CA ASP B 160 24.89 -5.08 -36.39
C ASP B 160 25.23 -5.80 -35.10
N ALA B 161 24.61 -5.39 -33.99
CA ALA B 161 24.87 -6.06 -32.71
C ALA B 161 24.37 -7.49 -32.72
N VAL B 162 23.24 -7.75 -33.39
CA VAL B 162 22.70 -9.11 -33.43
C VAL B 162 23.62 -10.02 -34.25
N VAL B 163 24.07 -9.56 -35.43
CA VAL B 163 24.82 -10.44 -36.32
C VAL B 163 26.19 -10.78 -35.74
N GLN B 164 26.73 -9.89 -34.89
CA GLN B 164 28.07 -10.10 -34.35
C GLN B 164 28.04 -11.00 -33.11
N ILE B 165 26.93 -10.97 -32.35
CA ILE B 165 26.75 -11.94 -31.29
C ILE B 165 26.52 -13.32 -31.88
N LYS B 166 25.77 -13.42 -32.97
CA LYS B 166 25.56 -14.71 -33.63
C LYS B 166 26.83 -15.20 -34.31
N LYS B 167 27.74 -14.30 -34.68
CA LYS B 167 28.98 -14.71 -35.32
C LYS B 167 29.95 -15.32 -34.32
N ASN B 168 30.16 -14.65 -33.18
CA ASN B 168 31.11 -15.12 -32.19
C ASN B 168 30.50 -16.19 -31.27
N PHE B 169 29.20 -16.11 -31.00
CA PHE B 169 28.52 -17.05 -30.11
C PHE B 169 27.32 -17.63 -30.82
N PRO B 170 27.53 -18.61 -31.70
CA PRO B 170 26.40 -19.18 -32.46
C PRO B 170 25.46 -20.01 -31.62
N SER B 171 25.93 -20.58 -30.52
CA SER B 171 25.10 -21.43 -29.67
C SER B 171 24.31 -20.63 -28.63
N LEU B 172 24.44 -19.31 -28.63
CA LEU B 172 23.80 -18.46 -27.64
C LEU B 172 22.51 -17.88 -28.23
N LEU B 173 21.40 -18.09 -27.52
CA LEU B 173 20.13 -17.54 -27.96
C LEU B 173 20.10 -16.04 -27.73
N VAL B 174 19.49 -15.32 -28.66
CA VAL B 174 19.44 -13.85 -28.64
C VAL B 174 18.01 -13.39 -28.86
N MET B 175 17.52 -12.53 -27.98
CA MET B 175 16.25 -11.85 -28.16
C MET B 175 16.52 -10.37 -28.45
N ALA B 176 15.86 -9.84 -29.47
CA ALA B 176 16.10 -8.48 -29.94
C ALA B 176 14.81 -7.67 -29.90
N GLY B 177 14.96 -6.38 -29.64
CA GLY B 177 13.83 -5.48 -29.57
C GLY B 177 14.31 -4.08 -29.22
N ASN B 178 13.34 -3.17 -29.13
CA ASN B 178 11.94 -3.45 -29.40
C ASN B 178 11.53 -2.92 -30.76
N ILE B 179 10.57 -3.59 -31.40
CA ILE B 179 10.01 -3.15 -32.66
C ILE B 179 8.48 -3.21 -32.55
N ALA B 180 7.81 -2.67 -33.57
CA ALA B 180 6.36 -2.64 -33.57
C ALA B 180 5.76 -2.84 -34.96
N THR B 181 6.56 -3.21 -35.96
CA THR B 181 6.07 -3.37 -37.33
C THR B 181 6.54 -4.72 -37.87
N ALA B 182 5.85 -5.17 -38.93
CA ALA B 182 6.27 -6.40 -39.61
C ALA B 182 7.61 -6.21 -40.30
N GLU B 183 7.88 -5.00 -40.80
CA GLU B 183 9.15 -4.74 -41.47
C GLU B 183 10.32 -4.82 -40.50
N GLY B 184 10.19 -4.16 -39.34
CA GLY B 184 11.22 -4.23 -38.32
C GLY B 184 11.41 -5.63 -37.76
N ALA B 185 10.38 -6.47 -37.81
CA ALA B 185 10.51 -7.84 -37.33
C ALA B 185 11.39 -8.68 -38.25
N LEU B 186 11.19 -8.54 -39.57
CA LEU B 186 11.98 -9.33 -40.50
C LEU B 186 13.44 -8.90 -40.53
N ALA B 187 13.71 -7.63 -40.24
CA ALA B 187 15.10 -7.18 -40.14
C ALA B 187 15.82 -7.85 -38.98
N LEU B 188 15.14 -7.99 -37.84
CA LEU B 188 15.75 -8.65 -36.69
C LEU B 188 15.89 -10.16 -36.92
N ILE B 189 14.89 -10.77 -37.59
CA ILE B 189 14.95 -12.20 -37.84
C ILE B 189 16.06 -12.52 -38.83
N ASP B 190 16.16 -11.74 -39.91
CA ASP B 190 17.22 -11.96 -40.89
C ASP B 190 18.59 -11.69 -40.29
N ALA B 191 18.67 -10.84 -39.25
CA ALA B 191 19.93 -10.61 -38.58
C ALA B 191 20.34 -11.78 -37.69
N GLY B 192 19.42 -12.68 -37.38
CA GLY B 192 19.71 -13.85 -36.58
C GLY B 192 19.06 -13.89 -35.22
N ALA B 193 18.12 -13.01 -34.93
CA ALA B 193 17.46 -13.01 -33.63
C ALA B 193 16.55 -14.23 -33.49
N ASP B 194 16.71 -14.97 -32.40
CA ASP B 194 15.90 -16.16 -32.17
C ASP B 194 14.54 -15.80 -31.57
N ILE B 195 14.45 -14.69 -30.85
CA ILE B 195 13.20 -14.23 -30.23
C ILE B 195 13.03 -12.76 -30.55
N ILE B 196 11.80 -12.34 -30.81
CA ILE B 196 11.46 -10.96 -31.14
C ILE B 196 10.68 -10.37 -29.97
N LYS B 197 11.04 -9.15 -29.59
CA LYS B 197 10.33 -8.41 -28.54
C LYS B 197 9.57 -7.25 -29.16
N VAL B 198 8.29 -7.14 -28.83
CA VAL B 198 7.39 -6.16 -29.43
C VAL B 198 7.05 -5.10 -28.39
N GLY B 199 7.25 -3.83 -28.76
CA GLY B 199 6.97 -2.73 -27.88
C GLY B 199 7.77 -1.47 -28.22
N CYS B 206 3.98 5.40 -23.15
CA CYS B 206 4.64 5.88 -21.95
C CYS B 206 5.16 7.31 -22.15
N THR B 207 6.42 7.51 -21.75
CA THR B 207 7.09 8.78 -21.99
C THR B 207 7.43 8.98 -23.46
N THR B 208 7.39 7.91 -24.25
CA THR B 208 7.77 8.01 -25.66
C THR B 208 6.73 8.80 -26.46
N ARG B 209 5.44 8.56 -26.19
CA ARG B 209 4.39 9.15 -27.00
C ARG B 209 4.28 10.66 -26.79
N VAL B 210 4.64 11.16 -25.62
CA VAL B 210 4.50 12.58 -25.35
C VAL B 210 5.78 13.34 -25.66
N VAL B 211 6.95 12.72 -25.44
CA VAL B 211 8.21 13.38 -25.78
C VAL B 211 8.45 13.38 -27.27
N THR B 212 8.13 12.27 -27.95
CA THR B 212 8.43 12.11 -29.37
C THR B 212 7.22 12.01 -30.27
N GLY B 213 6.04 11.68 -29.75
CA GLY B 213 4.90 11.46 -30.61
C GLY B 213 4.97 10.18 -31.41
N VAL B 214 5.86 9.27 -31.03
CA VAL B 214 6.08 8.01 -31.75
C VAL B 214 5.56 6.87 -30.90
N GLY B 215 4.92 5.90 -31.54
CA GLY B 215 4.43 4.74 -30.84
C GLY B 215 3.48 3.94 -31.70
N CYS B 216 2.99 2.86 -31.11
CA CYS B 216 2.02 1.99 -31.77
C CYS B 216 1.23 1.23 -30.72
N PRO B 217 -0.10 1.21 -30.80
CA PRO B 217 -0.90 0.41 -29.86
C PRO B 217 -0.43 -1.04 -29.86
N GLN B 218 -0.28 -1.59 -28.66
CA GLN B 218 0.44 -2.86 -28.51
C GLN B 218 -0.32 -4.01 -29.14
N LEU B 219 -1.65 -4.01 -29.06
CA LEU B 219 -2.42 -5.11 -29.64
C LEU B 219 -2.24 -5.18 -31.15
N SER B 220 -2.31 -4.03 -31.83
CA SER B 220 -2.10 -4.03 -33.27
C SER B 220 -0.64 -4.30 -33.62
N ALA B 221 0.29 -3.90 -32.76
CA ALA B 221 1.70 -4.19 -33.00
C ALA B 221 1.97 -5.68 -32.93
N ILE B 222 1.42 -6.36 -31.92
CA ILE B 222 1.62 -7.80 -31.81
C ILE B 222 1.01 -8.52 -33.00
N MET B 223 -0.23 -8.17 -33.35
CA MET B 223 -0.90 -8.81 -34.48
C MET B 223 -0.26 -8.47 -35.81
N SER B 224 0.55 -7.42 -35.88
CA SER B 224 1.26 -7.07 -37.10
C SER B 224 2.54 -7.88 -37.29
N VAL B 225 2.97 -8.61 -36.27
CA VAL B 225 4.22 -9.35 -36.31
C VAL B 225 4.01 -10.87 -36.37
N VAL B 226 2.85 -11.37 -35.93
CA VAL B 226 2.68 -12.82 -35.77
C VAL B 226 2.81 -13.53 -37.12
N GLU B 227 2.31 -12.92 -38.19
CA GLU B 227 2.38 -13.57 -39.51
C GLU B 227 3.82 -13.78 -39.94
N VAL B 228 4.66 -12.75 -39.78
CA VAL B 228 6.07 -12.86 -40.16
C VAL B 228 6.79 -13.81 -39.22
N ALA B 229 6.53 -13.71 -37.91
CA ALA B 229 7.25 -14.52 -36.94
C ALA B 229 6.88 -15.99 -37.06
N GLU B 230 5.60 -16.29 -37.33
CA GLU B 230 5.17 -17.67 -37.42
C GLU B 230 5.81 -18.38 -38.61
N ARG B 231 5.89 -17.68 -39.75
CA ARG B 231 6.55 -18.26 -40.92
C ARG B 231 8.06 -18.33 -40.75
N ALA B 232 8.64 -17.48 -39.89
CA ALA B 232 10.07 -17.55 -39.59
C ALA B 232 10.38 -18.51 -38.46
N GLY B 233 9.38 -19.01 -37.75
CA GLY B 233 9.61 -19.94 -36.67
C GLY B 233 10.16 -19.34 -35.39
N VAL B 234 10.01 -18.02 -35.20
CA VAL B 234 10.49 -17.34 -34.00
C VAL B 234 9.30 -16.94 -33.15
N ALA B 235 9.53 -16.88 -31.85
CA ALA B 235 8.50 -16.53 -30.89
C ALA B 235 8.48 -15.03 -30.62
N ILE B 236 7.36 -14.55 -30.10
CA ILE B 236 7.12 -13.14 -29.86
C ILE B 236 6.97 -12.90 -28.37
N VAL B 237 7.67 -11.90 -27.86
CA VAL B 237 7.55 -11.47 -26.46
C VAL B 237 6.91 -10.10 -26.46
N ALA B 238 5.76 -9.98 -25.81
CA ALA B 238 5.03 -8.71 -25.73
C ALA B 238 5.55 -7.91 -24.54
N ASP B 239 6.10 -6.73 -24.82
CA ASP B 239 6.72 -5.88 -23.81
C ASP B 239 6.05 -4.52 -23.80
N GLY B 240 5.15 -4.30 -22.83
CA GLY B 240 4.53 -3.02 -22.66
C GLY B 240 3.03 -3.03 -22.75
N GLY B 241 2.38 -2.09 -22.06
CA GLY B 241 0.94 -1.95 -22.12
C GLY B 241 0.14 -2.95 -21.32
N ILE B 242 0.79 -3.73 -20.46
CA ILE B 242 0.11 -4.76 -19.67
C ILE B 242 -0.11 -4.21 -18.27
N ARG B 243 -1.38 -4.17 -17.85
CA ARG B 243 -1.75 -3.66 -16.54
C ARG B 243 -2.42 -4.69 -15.65
N PHE B 244 -3.09 -5.69 -16.21
CA PHE B 244 -3.77 -6.71 -15.44
C PHE B 244 -3.52 -8.08 -16.08
N SER B 245 -4.07 -9.12 -15.46
CA SER B 245 -3.94 -10.46 -16.01
C SER B 245 -4.75 -10.64 -17.29
N GLY B 246 -5.79 -9.82 -17.49
CA GLY B 246 -6.54 -9.90 -18.73
C GLY B 246 -5.73 -9.45 -19.93
N ASP B 247 -4.88 -8.43 -19.75
CA ASP B 247 -3.99 -8.00 -20.83
C ASP B 247 -3.00 -9.11 -21.19
N ILE B 248 -2.55 -9.89 -20.20
CA ILE B 248 -1.66 -11.01 -20.48
C ILE B 248 -2.37 -12.03 -21.35
N ALA B 249 -3.64 -12.30 -21.07
CA ALA B 249 -4.40 -13.25 -21.88
C ALA B 249 -4.61 -12.72 -23.29
N LYS B 250 -4.91 -11.42 -23.43
CA LYS B 250 -5.11 -10.84 -24.76
C LYS B 250 -3.82 -10.84 -25.56
N ALA B 251 -2.69 -10.50 -24.92
CA ALA B 251 -1.41 -10.51 -25.62
C ALA B 251 -1.07 -11.90 -26.13
N ILE B 252 -1.28 -12.92 -25.29
CA ILE B 252 -0.97 -14.29 -25.70
C ILE B 252 -1.96 -14.76 -26.75
N ALA B 253 -3.25 -14.42 -26.58
CA ALA B 253 -4.25 -14.79 -27.58
C ALA B 253 -3.97 -14.14 -28.93
N ALA B 254 -3.42 -12.92 -28.93
CA ALA B 254 -3.07 -12.23 -30.16
C ALA B 254 -1.86 -12.84 -30.85
N GLY B 255 -1.20 -13.83 -30.25
CA GLY B 255 -0.08 -14.51 -30.85
C GLY B 255 1.21 -14.47 -30.06
N SER B 256 1.28 -13.76 -28.94
CA SER B 256 2.50 -13.71 -28.16
C SER B 256 2.77 -15.06 -27.50
N ALA B 257 4.03 -15.46 -27.49
CA ALA B 257 4.44 -16.65 -26.77
C ALA B 257 4.73 -16.37 -25.31
N CYS B 258 5.04 -15.13 -24.97
CA CYS B 258 5.37 -14.74 -23.61
C CYS B 258 5.19 -13.25 -23.48
N VAL B 259 4.98 -12.80 -22.23
CA VAL B 259 4.81 -11.38 -21.96
C VAL B 259 5.92 -10.93 -21.02
N MET B 260 6.27 -9.65 -21.12
CA MET B 260 7.28 -9.04 -20.26
C MET B 260 6.61 -7.95 -19.44
N ILE B 261 6.53 -8.16 -18.13
CA ILE B 261 5.95 -7.19 -17.22
C ILE B 261 7.05 -6.61 -16.35
N GLY B 262 6.86 -5.36 -15.94
CA GLY B 262 7.87 -4.67 -15.15
C GLY B 262 7.33 -3.98 -13.91
N SER B 263 6.50 -2.95 -14.11
CA SER B 263 5.99 -2.18 -12.98
C SER B 263 5.15 -3.03 -12.04
N LEU B 264 4.49 -4.07 -12.57
CA LEU B 264 3.64 -4.92 -11.74
C LEU B 264 4.43 -5.77 -10.76
N LEU B 265 5.75 -5.85 -10.91
CA LEU B 265 6.61 -6.60 -10.01
C LEU B 265 7.60 -5.71 -9.27
N ALA B 266 7.46 -4.39 -9.37
CA ALA B 266 8.48 -3.49 -8.84
C ALA B 266 8.45 -3.42 -7.32
N GLY B 267 7.28 -3.54 -6.70
CA GLY B 267 7.20 -3.40 -5.27
C GLY B 267 7.01 -4.71 -4.53
N THR B 268 7.67 -5.77 -4.99
CA THR B 268 7.55 -7.09 -4.39
C THR B 268 8.68 -7.35 -3.40
N ASP B 269 8.58 -8.49 -2.71
CA ASP B 269 9.61 -8.89 -1.76
C ASP B 269 10.96 -9.06 -2.44
N GLU B 270 10.98 -9.81 -3.54
CA GLU B 270 12.21 -10.14 -4.24
C GLU B 270 12.71 -9.01 -5.13
N SER B 271 11.99 -7.90 -5.20
CA SER B 271 12.39 -6.75 -6.01
C SER B 271 13.38 -5.89 -5.23
N PRO B 272 14.26 -5.16 -5.93
CA PRO B 272 15.21 -4.27 -5.23
C PRO B 272 14.47 -3.17 -4.47
N GLY B 273 15.12 -2.67 -3.43
CA GLY B 273 14.57 -1.62 -2.59
C GLY B 273 14.44 -2.10 -1.15
N ASP B 274 13.83 -1.24 -0.34
CA ASP B 274 13.66 -1.54 1.08
C ASP B 274 12.34 -0.96 1.56
N ILE B 275 11.91 -1.41 2.72
CA ILE B 275 10.66 -0.95 3.31
C ILE B 275 10.88 -0.53 4.76
N PRO B 324 5.45 1.43 -3.70
CA PRO B 324 4.30 0.68 -3.17
C PRO B 324 4.61 -0.80 -2.97
N TYR B 325 4.57 -1.24 -1.71
CA TYR B 325 4.86 -2.62 -1.39
C TYR B 325 3.73 -3.53 -1.86
N LYS B 326 4.06 -4.53 -2.66
CA LYS B 326 3.06 -5.43 -3.24
C LYS B 326 3.07 -6.83 -2.64
N GLY B 327 4.12 -7.20 -1.91
CA GLY B 327 4.15 -8.49 -1.25
C GLY B 327 5.02 -9.51 -1.95
N PRO B 328 4.83 -10.79 -1.62
CA PRO B 328 5.63 -11.84 -2.25
C PRO B 328 5.30 -11.96 -3.73
N ILE B 329 6.36 -12.06 -4.54
CA ILE B 329 6.16 -12.13 -5.99
C ILE B 329 5.51 -13.44 -6.41
N ALA B 330 5.61 -14.48 -5.59
CA ALA B 330 4.94 -15.74 -5.91
C ALA B 330 3.42 -15.60 -5.86
N SER B 331 2.92 -14.68 -5.05
CA SER B 331 1.49 -14.43 -5.01
C SER B 331 1.03 -13.57 -6.19
N VAL B 332 1.87 -12.64 -6.65
CA VAL B 332 1.56 -11.85 -7.82
C VAL B 332 1.51 -12.73 -9.06
N LEU B 333 2.53 -13.57 -9.23
CA LEU B 333 2.56 -14.49 -10.37
C LEU B 333 1.45 -15.52 -10.28
N HIS B 334 1.05 -15.92 -9.08
CA HIS B 334 -0.05 -16.85 -8.92
C HIS B 334 -1.38 -16.22 -9.37
N GLN B 335 -1.53 -14.91 -9.19
CA GLN B 335 -2.76 -14.25 -9.59
C GLN B 335 -2.90 -14.24 -11.11
N MET B 336 -1.88 -13.78 -11.82
CA MET B 336 -1.97 -13.71 -13.28
C MET B 336 -1.96 -15.10 -13.91
N SER B 337 -1.32 -16.07 -13.28
CA SER B 337 -1.40 -17.44 -13.76
C SER B 337 -2.84 -17.96 -13.67
N GLY B 338 -3.54 -17.62 -12.60
CA GLY B 338 -4.94 -18.00 -12.49
C GLY B 338 -5.83 -17.21 -13.42
N GLY B 339 -5.52 -15.94 -13.64
CA GLY B 339 -6.29 -15.15 -14.58
C GLY B 339 -6.15 -15.64 -16.01
N LEU B 340 -4.95 -16.04 -16.40
CA LEU B 340 -4.74 -16.59 -17.73
C LEU B 340 -5.45 -17.92 -17.89
N LYS B 341 -5.41 -18.77 -16.86
CA LYS B 341 -6.04 -20.08 -16.95
C LYS B 341 -7.56 -19.97 -17.09
N SER B 342 -8.19 -19.11 -16.28
CA SER B 342 -9.63 -18.95 -16.39
C SER B 342 -10.02 -18.26 -17.70
N SER B 343 -9.15 -17.38 -18.22
CA SER B 343 -9.41 -16.78 -19.52
C SER B 343 -9.39 -17.83 -20.62
N MET B 344 -8.48 -18.80 -20.53
CA MET B 344 -8.47 -19.91 -21.47
C MET B 344 -9.65 -20.85 -21.26
N GLY B 345 -10.22 -20.87 -20.05
CA GLY B 345 -11.41 -21.67 -19.82
C GLY B 345 -12.64 -21.08 -20.47
N TYR B 346 -12.72 -19.75 -20.52
CA TYR B 346 -13.82 -19.10 -21.23
C TYR B 346 -13.77 -19.42 -22.73
N VAL B 347 -12.57 -19.42 -23.31
CA VAL B 347 -12.42 -19.73 -24.72
C VAL B 347 -12.45 -21.23 -24.98
N GLY B 348 -12.21 -22.05 -23.97
CA GLY B 348 -12.25 -23.49 -24.14
C GLY B 348 -10.96 -24.06 -24.69
N ALA B 349 -9.83 -23.57 -24.19
CA ALA B 349 -8.51 -24.00 -24.64
C ALA B 349 -7.76 -24.65 -23.48
N SER B 350 -7.07 -25.75 -23.79
CA SER B 350 -6.27 -26.45 -22.79
C SER B 350 -4.80 -26.09 -22.84
N ASN B 351 -4.33 -25.52 -23.94
CA ASN B 351 -2.94 -25.08 -24.07
C ASN B 351 -2.89 -23.76 -24.82
N ILE B 352 -1.69 -23.19 -24.88
CA ILE B 352 -1.52 -21.88 -25.52
C ILE B 352 -1.82 -21.96 -27.00
N GLU B 353 -1.49 -23.08 -27.65
CA GLU B 353 -1.72 -23.22 -29.08
C GLU B 353 -3.22 -23.18 -29.39
N GLU B 354 -4.01 -23.97 -28.66
CA GLU B 354 -5.46 -23.91 -28.82
C GLU B 354 -6.00 -22.54 -28.46
N PHE B 355 -5.35 -21.85 -27.52
CA PHE B 355 -5.80 -20.51 -27.14
C PHE B 355 -5.62 -19.52 -28.28
N GLN B 356 -4.53 -19.64 -29.04
CA GLN B 356 -4.25 -18.70 -30.11
C GLN B 356 -5.07 -18.95 -31.38
N LYS B 357 -5.72 -20.11 -31.48
CA LYS B 357 -6.56 -20.42 -32.63
C LYS B 357 -8.04 -20.22 -32.35
N LYS B 358 -8.50 -20.54 -31.15
CA LYS B 358 -9.91 -20.42 -30.82
C LYS B 358 -10.31 -19.01 -30.40
N ALA B 359 -9.33 -18.18 -30.02
CA ALA B 359 -9.66 -16.87 -29.46
C ALA B 359 -10.25 -15.94 -30.53
N ASN B 360 -11.38 -15.34 -30.19
CA ASN B 360 -12.02 -14.32 -31.03
C ASN B 360 -12.13 -13.03 -30.22
N PHE B 361 -11.81 -11.92 -30.86
CA PHE B 361 -11.83 -10.61 -30.22
C PHE B 361 -13.13 -9.89 -30.55
N ILE B 362 -13.72 -9.25 -29.54
CA ILE B 362 -14.89 -8.41 -29.71
C ILE B 362 -14.45 -6.97 -29.54
N ARG B 363 -14.69 -6.15 -30.57
CA ARG B 363 -14.41 -4.73 -30.48
C ARG B 363 -15.49 -4.06 -29.64
N VAL B 364 -15.08 -3.34 -28.59
CA VAL B 364 -16.02 -2.75 -27.65
C VAL B 364 -16.10 -1.24 -27.90
N SER B 365 -17.22 -0.67 -27.49
CA SER B 365 -17.48 0.74 -27.73
C SER B 365 -16.67 1.60 -26.77
N VAL B 366 -16.65 2.91 -27.06
CA VAL B 366 -15.99 3.88 -26.18
C VAL B 366 -16.69 3.93 -24.84
N ALA B 367 -18.00 3.70 -24.81
CA ALA B 367 -18.74 3.64 -23.56
C ALA B 367 -18.56 2.31 -22.84
N GLY B 368 -18.00 1.30 -23.50
CA GLY B 368 -17.75 0.02 -22.87
C GLY B 368 -16.55 -0.01 -21.94
N LEU B 369 -15.77 1.06 -21.90
CA LEU B 369 -14.62 1.11 -21.01
C LEU B 369 -14.82 2.14 -19.89
N VAL C 12 -5.26 18.84 30.40
CA VAL C 12 -4.36 18.66 31.53
C VAL C 12 -4.00 17.18 31.69
N ALA C 13 -4.73 16.32 30.99
CA ALA C 13 -4.40 14.89 30.92
C ALA C 13 -3.65 14.65 29.61
N LEU C 14 -2.44 14.10 29.72
CA LEU C 14 -1.50 14.04 28.61
C LEU C 14 -1.57 12.70 27.90
N THR C 15 -1.45 12.74 26.57
CA THR C 15 -1.25 11.58 25.73
C THR C 15 0.15 11.64 25.12
N PHE C 16 0.48 10.62 24.32
CA PHE C 16 1.83 10.49 23.80
C PHE C 16 2.25 11.71 22.99
N ASP C 17 1.32 12.31 22.25
CA ASP C 17 1.65 13.44 21.38
C ASP C 17 1.82 14.75 22.13
N ASP C 18 1.59 14.78 23.44
CA ASP C 18 1.74 15.99 24.21
C ASP C 18 3.14 16.17 24.79
N VAL C 19 4.01 15.17 24.65
CA VAL C 19 5.33 15.21 25.28
C VAL C 19 6.40 14.84 24.27
N LEU C 20 7.65 15.15 24.63
CA LEU C 20 8.83 14.78 23.87
C LEU C 20 9.93 14.40 24.84
N LEU C 21 10.67 13.34 24.51
CA LEU C 21 11.81 12.94 25.34
C LEU C 21 12.95 13.93 25.17
N ARG C 22 13.42 14.48 26.27
CA ARG C 22 14.52 15.44 26.20
C ARG C 22 15.85 14.71 25.99
N PRO C 23 16.69 15.15 25.07
CA PRO C 23 18.00 14.51 24.91
C PRO C 23 18.91 14.81 26.09
N GLU C 24 19.59 13.78 26.57
CA GLU C 24 20.54 13.89 27.66
C GLU C 24 21.93 13.52 27.17
N PHE C 25 22.93 13.76 28.01
CA PHE C 25 24.28 13.33 27.69
C PHE C 25 24.34 11.81 27.57
N SER C 26 25.00 11.33 26.52
CA SER C 26 25.03 9.91 26.23
C SER C 26 26.42 9.47 25.81
N ASN C 27 26.86 8.34 26.36
CA ASN C 27 28.05 7.65 25.88
C ASN C 27 27.72 6.28 25.32
N VAL C 28 26.44 5.94 25.21
CA VAL C 28 26.00 4.65 24.71
C VAL C 28 25.73 4.77 23.22
N LEU C 29 25.88 3.65 22.52
CA LEU C 29 25.59 3.56 21.10
C LEU C 29 24.71 2.34 20.84
N PRO C 30 23.76 2.42 19.90
CA PRO C 30 22.81 1.31 19.69
C PRO C 30 23.45 0.01 19.25
N ARG C 31 24.44 -0.46 20.02
CA ARG C 31 25.04 -1.77 19.78
C ARG C 31 25.04 -2.56 21.08
N ASP C 32 25.13 -1.87 22.21
CA ASP C 32 25.05 -2.49 23.53
C ASP C 32 23.79 -2.07 24.28
N ILE C 33 22.72 -1.80 23.55
CA ILE C 33 21.45 -1.39 24.15
C ILE C 33 20.63 -2.64 24.44
N ASP C 34 20.26 -2.81 25.70
CA ASP C 34 19.48 -3.97 26.16
C ASP C 34 18.02 -3.56 26.29
N ILE C 35 17.19 -4.01 25.36
CA ILE C 35 15.76 -3.73 25.39
C ILE C 35 14.97 -4.85 26.06
N SER C 36 15.65 -5.82 26.65
CA SER C 36 14.96 -6.90 27.35
C SER C 36 14.28 -6.38 28.60
N THR C 37 13.20 -7.03 28.98
CA THR C 37 12.40 -6.59 30.13
C THR C 37 11.75 -7.80 30.77
N ARG C 38 11.54 -7.72 32.08
CA ARG C 38 10.80 -8.73 32.81
C ARG C 38 9.36 -8.31 32.95
N ILE C 39 8.44 -9.26 32.77
CA ILE C 39 7.02 -9.02 33.01
C ILE C 39 6.50 -9.83 34.18
N ALA C 40 7.17 -10.91 34.57
CA ALA C 40 6.81 -11.68 35.74
C ALA C 40 8.04 -12.49 36.16
N LYS C 41 7.90 -13.25 37.24
CA LYS C 41 8.99 -14.09 37.71
C LYS C 41 9.30 -15.17 36.69
N ASP C 42 10.58 -15.25 36.28
CA ASP C 42 11.02 -16.20 35.26
C ASP C 42 10.25 -16.00 33.95
N PHE C 43 10.08 -14.74 33.55
CA PHE C 43 9.42 -14.41 32.30
C PHE C 43 10.06 -13.13 31.78
N THR C 44 10.98 -13.26 30.83
CA THR C 44 11.72 -12.14 30.28
C THR C 44 11.57 -12.13 28.76
N LEU C 45 11.17 -10.98 28.22
CA LEU C 45 11.03 -10.80 26.78
C LEU C 45 12.22 -10.02 26.26
N ASN C 46 12.89 -10.56 25.24
CA ASN C 46 13.96 -9.83 24.58
C ASN C 46 13.44 -8.65 23.78
N LEU C 47 12.14 -8.65 23.44
CA LEU C 47 11.51 -7.55 22.72
C LEU C 47 10.31 -7.10 23.55
N PRO C 48 10.29 -5.85 24.04
CA PRO C 48 9.18 -5.44 24.92
C PRO C 48 7.89 -5.17 24.17
N ILE C 49 7.49 -6.08 23.30
CA ILE C 49 6.30 -5.91 22.45
C ILE C 49 5.45 -7.17 22.56
N MET C 50 4.16 -6.98 22.82
CA MET C 50 3.18 -8.05 22.79
C MET C 50 2.14 -7.76 21.72
N SER C 51 1.60 -8.83 21.14
CA SER C 51 0.57 -8.70 20.11
C SER C 51 -0.81 -8.68 20.76
N ALA C 52 -1.63 -7.72 20.35
CA ALA C 52 -2.93 -7.54 20.98
C ALA C 52 -3.88 -8.68 20.60
N ALA C 53 -5.01 -8.73 21.31
CA ALA C 53 -6.00 -9.79 21.12
C ALA C 53 -7.06 -9.33 20.11
N MET C 54 -6.60 -9.16 18.88
CA MET C 54 -7.47 -8.88 17.75
C MET C 54 -7.53 -10.12 16.87
N ASP C 55 -8.75 -10.58 16.58
CA ASP C 55 -8.92 -11.78 15.76
C ASP C 55 -8.41 -11.60 14.34
N GLN C 56 -8.08 -10.38 13.94
CA GLN C 56 -7.41 -10.12 12.68
C GLN C 56 -5.89 -10.03 12.84
N VAL C 57 -5.35 -10.50 13.97
CA VAL C 57 -3.94 -10.33 14.27
C VAL C 57 -3.31 -11.65 14.72
N THR C 58 -3.61 -12.07 15.95
CA THR C 58 -2.79 -13.06 16.64
C THR C 58 -3.34 -14.47 16.44
N ASP C 59 -2.57 -15.32 15.78
CA ASP C 59 -2.79 -16.76 15.76
C ASP C 59 -1.42 -17.43 15.71
N SER C 60 -1.37 -18.70 15.30
CA SER C 60 -0.12 -19.46 15.33
C SER C 60 0.96 -18.78 14.50
N ARG C 61 0.63 -18.41 13.26
CA ARG C 61 1.63 -17.80 12.38
C ARG C 61 2.17 -16.50 12.98
N LEU C 62 1.34 -15.77 13.71
CA LEU C 62 1.79 -14.52 14.34
C LEU C 62 2.36 -14.75 15.74
N ALA C 63 1.76 -15.65 16.52
CA ALA C 63 2.26 -15.91 17.86
C ALA C 63 3.64 -16.56 17.82
N ILE C 64 3.85 -17.51 16.91
CA ILE C 64 5.18 -18.09 16.74
C ILE C 64 6.16 -17.04 16.25
N ALA C 65 5.70 -16.13 15.39
CA ALA C 65 6.55 -15.06 14.90
C ALA C 65 6.88 -14.06 16.00
N MET C 66 5.88 -13.71 16.82
CA MET C 66 6.13 -12.81 17.94
C MET C 66 7.07 -13.46 18.95
N ALA C 67 6.95 -14.77 19.14
CA ALA C 67 7.80 -15.47 20.09
C ALA C 67 9.21 -15.68 19.55
N GLN C 68 9.34 -15.98 18.26
CA GLN C 68 10.66 -16.12 17.66
C GLN C 68 11.41 -14.78 17.58
N ALA C 69 10.68 -13.66 17.57
CA ALA C 69 11.31 -12.35 17.51
C ALA C 69 11.71 -11.82 18.88
N GLY C 70 11.33 -12.51 19.96
CA GLY C 70 11.66 -12.09 21.30
C GLY C 70 10.51 -11.47 22.07
N GLY C 71 9.31 -11.43 21.51
CA GLY C 71 8.15 -10.85 22.14
C GLY C 71 7.21 -11.91 22.68
N LEU C 72 5.91 -11.68 22.47
CA LEU C 72 4.89 -12.59 22.99
C LEU C 72 3.59 -12.35 22.24
N GLY C 73 2.82 -13.41 22.05
CA GLY C 73 1.51 -13.31 21.43
C GLY C 73 0.40 -13.82 22.32
N VAL C 74 -0.82 -13.33 22.10
CA VAL C 74 -1.99 -13.73 22.88
C VAL C 74 -3.03 -14.28 21.92
N ILE C 75 -3.08 -15.61 21.81
CA ILE C 75 -4.07 -16.24 20.94
C ILE C 75 -5.47 -16.00 21.53
N HIS C 76 -6.41 -15.70 20.64
CA HIS C 76 -7.65 -15.04 21.03
C HIS C 76 -8.73 -16.02 21.47
N ARG C 77 -9.72 -15.47 22.18
CA ARG C 77 -10.92 -16.16 22.63
C ARG C 77 -12.08 -16.04 21.66
N ASN C 78 -11.96 -15.22 20.61
CA ASN C 78 -12.95 -15.25 19.54
C ASN C 78 -12.95 -16.61 18.86
N PHE C 79 -11.81 -17.30 18.88
CA PHE C 79 -11.76 -18.72 18.62
C PHE C 79 -12.70 -19.45 19.58
N SER C 80 -13.36 -20.49 19.08
CA SER C 80 -14.10 -21.36 19.97
C SER C 80 -13.13 -22.09 20.90
N PRO C 81 -13.56 -22.41 22.13
CA PRO C 81 -12.59 -22.86 23.15
C PRO C 81 -11.73 -24.03 22.73
N SER C 82 -12.28 -25.00 22.01
CA SER C 82 -11.49 -26.14 21.56
C SER C 82 -10.53 -25.78 20.43
N GLU C 83 -10.84 -24.75 19.65
CA GLU C 83 -9.91 -24.28 18.62
C GLU C 83 -8.88 -23.31 19.19
N GLN C 84 -9.18 -22.67 20.31
CA GLN C 84 -8.18 -21.82 20.96
C GLN C 84 -7.03 -22.64 21.50
N VAL C 85 -7.33 -23.69 22.27
CA VAL C 85 -6.29 -24.54 22.82
C VAL C 85 -5.62 -25.35 21.72
N ALA C 86 -6.36 -25.69 20.66
CA ALA C 86 -5.76 -26.39 19.52
C ALA C 86 -4.72 -25.54 18.81
N GLN C 87 -4.77 -24.22 18.98
CA GLN C 87 -3.74 -23.35 18.43
C GLN C 87 -2.70 -22.94 19.44
N VAL C 88 -3.02 -22.96 20.74
CA VAL C 88 -1.99 -22.90 21.76
C VAL C 88 -1.13 -24.17 21.69
N HIS C 89 -1.71 -25.26 21.19
CA HIS C 89 -0.92 -26.47 20.93
C HIS C 89 -0.02 -26.29 19.71
N GLN C 90 -0.51 -25.60 18.68
CA GLN C 90 0.26 -25.45 17.45
C GLN C 90 1.50 -24.59 17.66
N VAL C 91 1.45 -23.63 18.59
CA VAL C 91 2.62 -22.78 18.83
C VAL C 91 3.60 -23.46 19.78
N LYS C 92 3.09 -24.23 20.74
CA LYS C 92 3.96 -24.87 21.73
C LYS C 92 4.76 -26.03 21.16
N LYS C 93 4.44 -26.49 19.95
CA LYS C 93 5.21 -27.53 19.27
C LYS C 93 5.88 -26.87 18.06
N PHE C 94 7.05 -26.28 18.30
CA PHE C 94 7.82 -25.58 17.26
C PHE C 94 6.99 -24.50 16.58
N THR C 112 9.79 -15.86 24.75
CA THR C 112 10.59 -16.71 23.86
C THR C 112 11.26 -17.84 24.65
N LYS C 113 10.78 -19.07 24.41
CA LYS C 113 11.30 -20.29 25.02
C LYS C 113 11.06 -20.32 26.53
N ASP C 114 10.42 -21.38 27.02
CA ASP C 114 10.13 -21.55 28.43
C ASP C 114 11.24 -22.38 29.08
N SER C 115 10.93 -23.00 30.22
CA SER C 115 11.93 -23.81 30.91
C SER C 115 12.26 -25.07 30.13
N LYS C 116 11.30 -25.64 29.43
CA LYS C 116 11.49 -26.86 28.66
C LYS C 116 11.87 -26.59 27.21
N GLY C 117 12.21 -25.36 26.86
CA GLY C 117 12.60 -25.02 25.51
C GLY C 117 11.45 -24.85 24.54
N ARG C 118 10.21 -24.75 25.03
CA ARG C 118 9.05 -24.57 24.17
C ARG C 118 8.74 -23.09 24.00
N LEU C 119 8.33 -22.72 22.79
CA LEU C 119 8.05 -21.33 22.48
C LEU C 119 6.88 -20.82 23.33
N ARG C 120 7.15 -19.79 24.13
CA ARG C 120 6.15 -19.26 25.04
C ARG C 120 5.05 -18.52 24.28
N VAL C 121 3.83 -18.59 24.81
CA VAL C 121 2.67 -17.97 24.19
C VAL C 121 1.63 -17.71 25.27
N ALA C 122 0.68 -16.84 24.97
CA ALA C 122 -0.40 -16.49 25.88
C ALA C 122 -1.74 -16.70 25.21
N ALA C 123 -2.80 -16.66 26.01
CA ALA C 123 -4.15 -16.84 25.51
C ALA C 123 -5.10 -15.98 26.32
N ALA C 124 -6.13 -15.45 25.66
CA ALA C 124 -7.09 -14.56 26.28
C ALA C 124 -8.38 -15.30 26.61
N VAL C 125 -8.95 -14.98 27.77
CA VAL C 125 -10.23 -15.52 28.20
C VAL C 125 -11.07 -14.38 28.77
N SER C 126 -12.37 -14.62 28.87
CA SER C 126 -13.33 -13.63 29.36
C SER C 126 -13.87 -14.06 30.72
N VAL C 127 -14.79 -13.25 31.24
CA VAL C 127 -15.39 -13.50 32.53
C VAL C 127 -16.64 -14.36 32.38
N ALA C 132 -13.71 -18.80 33.50
CA ALA C 132 -12.60 -19.36 34.25
C ALA C 132 -12.52 -20.87 34.07
N ASP C 133 -13.67 -21.49 33.81
CA ASP C 133 -13.68 -22.93 33.52
C ASP C 133 -12.88 -23.25 32.27
N ARG C 134 -12.90 -22.34 31.29
CA ARG C 134 -12.19 -22.54 30.02
C ARG C 134 -10.69 -22.39 30.17
N VAL C 135 -10.18 -22.04 31.36
CA VAL C 135 -8.74 -21.93 31.56
C VAL C 135 -8.10 -23.27 31.87
N GLY C 136 -8.88 -24.23 32.38
CA GLY C 136 -8.39 -25.57 32.65
C GLY C 136 -7.72 -26.22 31.45
N PRO C 137 -8.45 -26.32 30.33
CA PRO C 137 -7.81 -26.83 29.11
C PRO C 137 -6.59 -26.02 28.66
N LEU C 138 -6.53 -24.74 29.02
CA LEU C 138 -5.36 -23.93 28.67
C LEU C 138 -4.18 -24.24 29.55
N PHE C 139 -4.41 -24.68 30.78
CA PHE C 139 -3.31 -25.09 31.65
C PHE C 139 -2.67 -26.38 31.17
N ASP C 140 -3.46 -27.27 30.55
CA ASP C 140 -2.99 -28.58 30.16
C ASP C 140 -2.36 -28.60 28.77
N VAL C 141 -2.21 -27.43 28.13
CA VAL C 141 -1.22 -27.25 27.08
C VAL C 141 -0.01 -26.49 27.60
N ASN C 142 0.07 -26.28 28.91
CA ASN C 142 1.12 -25.50 29.57
C ASN C 142 1.30 -24.16 28.89
N VAL C 143 0.19 -23.40 28.84
CA VAL C 143 0.27 -22.02 28.39
C VAL C 143 1.09 -21.22 29.41
N ASP C 144 1.71 -20.15 28.94
CA ASP C 144 2.61 -19.38 29.78
C ASP C 144 1.94 -18.18 30.43
N LEU C 145 0.83 -17.71 29.87
CA LEU C 145 0.14 -16.55 30.42
C LEU C 145 -1.31 -16.58 29.94
N VAL C 146 -2.22 -16.24 30.84
CA VAL C 146 -3.65 -16.15 30.54
C VAL C 146 -4.08 -14.71 30.77
N VAL C 147 -4.80 -14.14 29.81
CA VAL C 147 -5.15 -12.72 29.82
C VAL C 147 -6.65 -12.61 30.01
N VAL C 148 -7.06 -12.11 31.18
CA VAL C 148 -8.45 -11.74 31.41
C VAL C 148 -8.67 -10.39 30.74
N ASP C 149 -9.06 -10.40 29.47
CA ASP C 149 -9.12 -9.21 28.65
C ASP C 149 -10.56 -8.70 28.56
N THR C 150 -10.77 -7.48 29.03
CA THR C 150 -12.05 -6.79 28.91
C THR C 150 -11.79 -5.31 28.75
N ALA C 151 -12.85 -4.58 28.43
CA ALA C 151 -12.76 -3.13 28.22
C ALA C 151 -12.86 -2.34 29.51
N HIS C 152 -13.31 -2.96 30.60
CA HIS C 152 -13.46 -2.28 31.90
C HIS C 152 -13.01 -3.26 32.98
N GLY C 153 -11.70 -3.28 33.25
CA GLY C 153 -11.15 -4.21 34.21
C GLY C 153 -11.55 -3.92 35.64
N HIS C 154 -11.78 -2.64 35.96
CA HIS C 154 -12.17 -2.25 37.32
C HIS C 154 -13.65 -2.55 37.56
N SER C 155 -13.98 -3.84 37.49
CA SER C 155 -15.35 -4.29 37.65
C SER C 155 -15.37 -5.56 38.49
N GLN C 156 -16.52 -5.82 39.11
CA GLN C 156 -16.66 -6.94 40.01
C GLN C 156 -16.52 -8.27 39.30
N LYS C 157 -17.05 -8.37 38.07
CA LYS C 157 -16.99 -9.64 37.34
C LYS C 157 -15.56 -9.99 36.96
N VAL C 158 -14.69 -9.00 36.76
CA VAL C 158 -13.29 -9.28 36.46
C VAL C 158 -12.52 -9.58 37.75
N LEU C 159 -12.85 -8.89 38.84
CA LEU C 159 -12.22 -9.17 40.11
C LEU C 159 -12.52 -10.60 40.57
N ASP C 160 -13.78 -11.02 40.44
CA ASP C 160 -14.13 -12.40 40.80
C ASP C 160 -13.50 -13.41 39.85
N ALA C 161 -13.24 -13.00 38.60
CA ALA C 161 -12.62 -13.92 37.64
C ALA C 161 -11.15 -14.16 37.96
N VAL C 162 -10.42 -13.12 38.31
CA VAL C 162 -9.00 -13.27 38.63
C VAL C 162 -8.82 -14.09 39.90
N VAL C 163 -9.69 -13.87 40.89
CA VAL C 163 -9.61 -14.64 42.13
C VAL C 163 -9.86 -16.12 41.86
N GLN C 164 -10.82 -16.41 40.96
CA GLN C 164 -11.14 -17.80 40.66
C GLN C 164 -10.03 -18.49 39.89
N ILE C 165 -9.26 -17.75 39.09
CA ILE C 165 -8.18 -18.37 38.33
C ILE C 165 -7.00 -18.71 39.24
N LYS C 166 -6.60 -17.76 40.09
CA LYS C 166 -5.52 -18.02 41.04
C LYS C 166 -5.91 -19.03 42.11
N LYS C 167 -7.19 -19.39 42.19
CA LYS C 167 -7.63 -20.40 43.15
C LYS C 167 -7.44 -21.81 42.60
N ASN C 168 -7.77 -22.03 41.33
CA ASN C 168 -7.62 -23.33 40.71
C ASN C 168 -6.27 -23.53 40.05
N PHE C 169 -5.58 -22.45 39.69
CA PHE C 169 -4.27 -22.53 39.03
C PHE C 169 -3.38 -21.42 39.62
N PRO C 170 -2.85 -21.64 40.83
CA PRO C 170 -1.99 -20.60 41.44
C PRO C 170 -0.62 -20.50 40.82
N SER C 171 -0.14 -21.53 40.13
CA SER C 171 1.12 -21.45 39.40
C SER C 171 0.95 -20.84 38.02
N LEU C 172 -0.23 -20.31 37.72
CA LEU C 172 -0.55 -19.75 36.41
C LEU C 172 -0.49 -18.23 36.50
N LEU C 173 0.30 -17.62 35.62
CA LEU C 173 0.42 -16.17 35.59
C LEU C 173 -0.80 -15.56 34.91
N VAL C 174 -1.32 -14.49 35.51
CA VAL C 174 -2.55 -13.84 35.05
C VAL C 174 -2.24 -12.38 34.76
N MET C 175 -2.54 -11.96 33.53
CA MET C 175 -2.56 -10.54 33.16
C MET C 175 -4.01 -10.10 33.07
N ALA C 176 -4.33 -8.99 33.75
CA ALA C 176 -5.70 -8.51 33.81
C ALA C 176 -5.78 -7.05 33.36
N GLY C 177 -6.92 -6.71 32.78
CA GLY C 177 -7.17 -5.36 32.31
C GLY C 177 -8.53 -5.29 31.66
N ASN C 178 -8.84 -4.13 31.11
CA ASN C 178 -7.96 -2.97 31.13
C ASN C 178 -8.40 -1.94 32.16
N ILE C 179 -7.43 -1.24 32.75
CA ILE C 179 -7.70 -0.19 33.72
C ILE C 179 -6.94 1.06 33.30
N ALA C 180 -7.25 2.16 33.98
CA ALA C 180 -6.55 3.42 33.69
C ALA C 180 -6.43 4.30 34.93
N THR C 181 -6.70 3.79 36.12
CA THR C 181 -6.62 4.56 37.35
C THR C 181 -5.78 3.80 38.37
N ALA C 182 -5.33 4.51 39.40
CA ALA C 182 -4.59 3.87 40.48
C ALA C 182 -5.50 2.96 41.31
N GLU C 183 -6.77 3.35 41.46
CA GLU C 183 -7.71 2.52 42.22
C GLU C 183 -8.01 1.21 41.50
N GLY C 184 -8.23 1.28 40.18
CA GLY C 184 -8.45 0.06 39.43
C GLY C 184 -7.23 -0.85 39.39
N ALA C 185 -6.05 -0.26 39.38
CA ALA C 185 -4.82 -1.06 39.42
C ALA C 185 -4.70 -1.82 40.74
N LEU C 186 -4.97 -1.16 41.85
CA LEU C 186 -4.88 -1.82 43.15
C LEU C 186 -5.94 -2.89 43.31
N ALA C 187 -7.13 -2.68 42.74
CA ALA C 187 -8.19 -3.68 42.84
C ALA C 187 -7.79 -4.98 42.16
N LEU C 188 -7.17 -4.88 40.97
CA LEU C 188 -6.73 -6.08 40.27
C LEU C 188 -5.55 -6.73 40.99
N ILE C 189 -4.62 -5.91 41.50
CA ILE C 189 -3.49 -6.44 42.25
C ILE C 189 -3.98 -7.14 43.52
N ASP C 190 -4.92 -6.53 44.23
CA ASP C 190 -5.47 -7.16 45.43
C ASP C 190 -6.16 -8.47 45.10
N ALA C 191 -6.71 -8.60 43.88
CA ALA C 191 -7.36 -9.83 43.46
C ALA C 191 -6.37 -10.91 43.03
N GLY C 192 -5.08 -10.59 42.95
CA GLY C 192 -4.08 -11.56 42.57
C GLY C 192 -3.56 -11.46 41.16
N ALA C 193 -3.64 -10.29 40.52
CA ALA C 193 -3.14 -10.12 39.17
C ALA C 193 -1.62 -10.01 39.19
N ASP C 194 -0.96 -10.77 38.33
CA ASP C 194 0.49 -10.73 38.22
C ASP C 194 0.97 -9.64 37.28
N ILE C 195 0.19 -9.31 36.25
CA ILE C 195 0.52 -8.26 35.29
C ILE C 195 -0.72 -7.40 35.07
N ILE C 196 -0.53 -6.09 35.03
CA ILE C 196 -1.62 -5.14 34.83
C ILE C 196 -1.52 -4.56 33.42
N LYS C 197 -2.63 -4.57 32.70
CA LYS C 197 -2.71 -3.99 31.36
C LYS C 197 -3.51 -2.70 31.40
N VAL C 198 -2.92 -1.62 30.89
CA VAL C 198 -3.51 -0.29 30.92
C VAL C 198 -3.99 0.07 29.53
N GLY C 199 -5.24 0.51 29.44
CA GLY C 199 -5.83 0.88 28.16
C GLY C 199 -7.10 1.70 28.29
N CYS C 206 -11.00 7.24 19.19
CA CYS C 206 -11.37 5.87 19.47
C CYS C 206 -12.89 5.71 19.50
N THR C 207 -13.36 4.48 19.29
CA THR C 207 -14.80 4.22 19.25
C THR C 207 -15.42 4.37 20.63
N THR C 208 -14.75 3.88 21.67
CA THR C 208 -15.29 3.98 23.02
C THR C 208 -15.44 5.43 23.47
N ARG C 209 -14.56 6.31 22.99
CA ARG C 209 -14.69 7.73 23.31
C ARG C 209 -15.90 8.35 22.63
N VAL C 210 -16.19 7.91 21.40
CA VAL C 210 -17.30 8.48 20.64
C VAL C 210 -18.63 7.91 21.11
N VAL C 211 -18.67 6.63 21.44
CA VAL C 211 -19.94 5.98 21.80
C VAL C 211 -20.31 6.26 23.25
N THR C 212 -19.34 6.19 24.17
CA THR C 212 -19.62 6.34 25.58
C THR C 212 -19.08 7.61 26.21
N GLY C 213 -18.15 8.30 25.56
CA GLY C 213 -17.52 9.45 26.18
C GLY C 213 -16.59 9.12 27.32
N VAL C 214 -16.25 7.85 27.50
CA VAL C 214 -15.39 7.40 28.59
C VAL C 214 -14.01 7.09 28.04
N GLY C 215 -12.99 7.56 28.75
CA GLY C 215 -11.62 7.29 28.33
C GLY C 215 -10.63 7.99 29.22
N CYS C 216 -9.36 7.76 28.91
CA CYS C 216 -8.26 8.41 29.61
C CYS C 216 -7.03 8.41 28.70
N PRO C 217 -6.40 9.57 28.50
CA PRO C 217 -5.17 9.60 27.71
C PRO C 217 -4.13 8.64 28.27
N GLN C 218 -3.48 7.90 27.37
CA GLN C 218 -2.70 6.75 27.79
C GLN C 218 -1.47 7.15 28.61
N LEU C 219 -0.84 8.27 28.27
CA LEU C 219 0.35 8.68 29.00
C LEU C 219 0.02 8.98 30.47
N SER C 220 -1.06 9.71 30.72
CA SER C 220 -1.48 9.96 32.09
C SER C 220 -1.98 8.69 32.77
N ALA C 221 -2.63 7.81 32.01
CA ALA C 221 -3.10 6.55 32.59
C ALA C 221 -1.92 5.68 33.02
N ILE C 222 -0.87 5.62 32.20
CA ILE C 222 0.31 4.83 32.55
C ILE C 222 0.96 5.39 33.81
N MET C 223 1.12 6.71 33.86
CA MET C 223 1.83 7.33 34.99
C MET C 223 1.02 7.25 36.28
N SER C 224 -0.31 7.20 36.19
CA SER C 224 -1.14 7.07 37.37
C SER C 224 -1.12 5.66 37.96
N VAL C 225 -0.57 4.69 37.25
CA VAL C 225 -0.59 3.30 37.69
C VAL C 225 0.78 2.81 38.17
N VAL C 226 1.88 3.47 37.77
CA VAL C 226 3.20 2.91 37.97
C VAL C 226 3.54 2.78 39.46
N GLU C 227 3.20 3.79 40.26
CA GLU C 227 3.58 3.76 41.67
C GLU C 227 2.83 2.66 42.42
N VAL C 228 1.56 2.44 42.08
CA VAL C 228 0.82 1.34 42.69
C VAL C 228 1.40 0.00 42.21
N ALA C 229 1.85 -0.05 40.96
CA ALA C 229 2.36 -1.30 40.42
C ALA C 229 3.80 -1.57 40.85
N GLU C 230 4.62 -0.52 40.97
CA GLU C 230 6.00 -0.72 41.39
C GLU C 230 6.08 -1.12 42.86
N ARG C 231 5.18 -0.59 43.70
CA ARG C 231 5.17 -0.99 45.09
C ARG C 231 4.79 -2.46 45.25
N ALA C 232 3.93 -2.97 44.39
CA ALA C 232 3.49 -4.36 44.44
C ALA C 232 4.35 -5.28 43.59
N GLY C 233 5.36 -4.76 42.89
CA GLY C 233 6.17 -5.60 42.03
C GLY C 233 5.41 -6.17 40.85
N VAL C 234 4.51 -5.38 40.27
CA VAL C 234 3.66 -5.82 39.17
C VAL C 234 4.06 -5.04 37.92
N ALA C 235 4.29 -5.75 36.82
CA ALA C 235 4.64 -5.12 35.57
C ALA C 235 3.39 -4.51 34.91
N ILE C 236 3.63 -3.53 34.04
CA ILE C 236 2.56 -2.79 33.36
C ILE C 236 2.73 -2.99 31.86
N VAL C 237 1.63 -3.34 31.19
CA VAL C 237 1.60 -3.48 29.74
C VAL C 237 0.75 -2.35 29.18
N ALA C 238 1.37 -1.49 28.36
CA ALA C 238 0.67 -0.38 27.75
C ALA C 238 -0.10 -0.87 26.52
N ASP C 239 -1.42 -0.68 26.53
CA ASP C 239 -2.30 -1.21 25.50
C ASP C 239 -3.12 -0.08 24.89
N GLY C 240 -2.79 0.30 23.67
CA GLY C 240 -3.54 1.28 22.94
C GLY C 240 -2.80 2.61 22.82
N GLY C 241 -3.17 3.37 21.79
CA GLY C 241 -2.60 4.67 21.55
C GLY C 241 -1.24 4.68 20.86
N ILE C 242 -0.71 3.51 20.51
CA ILE C 242 0.61 3.42 19.89
C ILE C 242 0.44 3.41 18.38
N ARG C 243 1.17 4.28 17.69
CA ARG C 243 1.12 4.35 16.24
C ARG C 243 2.52 4.33 15.63
N PHE C 244 3.47 4.95 16.31
CA PHE C 244 4.85 5.01 15.86
C PHE C 244 5.76 4.34 16.88
N SER C 245 7.01 4.12 16.47
CA SER C 245 8.00 3.56 17.39
C SER C 245 8.33 4.55 18.50
N GLY C 246 8.16 5.85 18.24
CA GLY C 246 8.35 6.83 19.30
C GLY C 246 7.34 6.72 20.42
N ASP C 247 6.12 6.28 20.09
CA ASP C 247 5.11 6.07 21.12
C ASP C 247 5.48 4.89 22.03
N ILE C 248 6.17 3.89 21.47
CA ILE C 248 6.63 2.78 22.31
C ILE C 248 7.70 3.26 23.28
N ALA C 249 8.60 4.14 22.82
CA ALA C 249 9.64 4.65 23.69
C ALA C 249 9.07 5.52 24.79
N LYS C 250 8.05 6.33 24.49
CA LYS C 250 7.43 7.16 25.51
C LYS C 250 6.69 6.32 26.53
N ALA C 251 5.98 5.29 26.08
CA ALA C 251 5.22 4.45 27.00
C ALA C 251 6.14 3.69 27.94
N ILE C 252 7.25 3.15 27.41
CA ILE C 252 8.19 2.43 28.26
C ILE C 252 8.89 3.38 29.22
N ALA C 253 9.26 4.58 28.74
CA ALA C 253 9.91 5.56 29.60
C ALA C 253 8.97 6.05 30.69
N ALA C 254 7.66 6.02 30.45
CA ALA C 254 6.68 6.44 31.43
C ALA C 254 6.50 5.43 32.56
N GLY C 255 6.98 4.20 32.38
CA GLY C 255 6.89 3.22 33.45
C GLY C 255 6.41 1.87 32.99
N SER C 256 5.94 1.78 31.75
CA SER C 256 5.47 0.51 31.21
C SER C 256 6.63 -0.44 31.03
N ALA C 257 6.41 -1.71 31.39
CA ALA C 257 7.39 -2.75 31.15
C ALA C 257 7.28 -3.35 29.76
N CYS C 258 6.14 -3.19 29.11
CA CYS C 258 5.92 -3.78 27.79
C CYS C 258 4.86 -2.96 27.07
N VAL C 259 4.83 -3.11 25.74
CA VAL C 259 3.88 -2.41 24.89
C VAL C 259 3.11 -3.45 24.09
N MET C 260 1.79 -3.29 24.04
CA MET C 260 0.91 -4.18 23.30
C MET C 260 0.36 -3.44 22.08
N ILE C 261 0.75 -3.86 20.89
CA ILE C 261 0.28 -3.28 19.65
C ILE C 261 -0.63 -4.29 18.95
N GLY C 262 -1.58 -3.77 18.18
CA GLY C 262 -2.53 -4.61 17.48
C GLY C 262 -2.75 -4.21 16.04
N SER C 263 -3.10 -2.94 15.81
CA SER C 263 -3.38 -2.49 14.45
C SER C 263 -2.12 -2.47 13.59
N LEU C 264 -0.96 -2.20 14.19
CA LEU C 264 0.29 -2.14 13.44
C LEU C 264 0.80 -3.52 13.04
N LEU C 265 0.17 -4.60 13.52
CA LEU C 265 0.53 -5.95 13.13
C LEU C 265 -0.61 -6.66 12.42
N ALA C 266 -1.61 -5.91 11.93
CA ALA C 266 -2.78 -6.51 11.30
C ALA C 266 -2.52 -6.82 9.84
N GLY C 267 -1.93 -5.88 9.11
CA GLY C 267 -1.63 -6.07 7.71
C GLY C 267 -0.42 -6.91 7.41
N THR C 268 0.22 -7.48 8.42
CA THR C 268 1.41 -8.29 8.20
C THR C 268 1.02 -9.64 7.59
N ASP C 269 2.04 -10.36 7.10
CA ASP C 269 1.80 -11.65 6.46
C ASP C 269 1.44 -12.71 7.49
N GLU C 270 2.15 -12.74 8.62
CA GLU C 270 1.93 -13.75 9.64
C GLU C 270 0.60 -13.62 10.35
N SER C 271 -0.27 -12.68 9.90
CA SER C 271 -1.62 -12.36 10.31
C SER C 271 -2.63 -13.04 9.39
N PRO C 272 -3.83 -13.37 9.90
CA PRO C 272 -4.91 -13.97 9.10
C PRO C 272 -5.26 -13.15 7.86
N PRO C 324 -5.09 -2.93 3.99
CA PRO C 324 -3.67 -2.60 3.98
C PRO C 324 -2.79 -3.84 4.03
N TYR C 325 -1.48 -3.66 3.89
CA TYR C 325 -0.56 -4.80 3.86
C TYR C 325 0.81 -4.31 4.28
N LYS C 326 1.25 -4.71 5.48
CA LYS C 326 2.53 -4.28 6.02
C LYS C 326 3.69 -5.14 5.53
N GLY C 327 3.47 -6.45 5.41
CA GLY C 327 4.50 -7.35 4.90
C GLY C 327 5.01 -8.31 5.94
N PRO C 328 6.34 -8.50 5.97
CA PRO C 328 6.92 -9.42 6.95
C PRO C 328 6.91 -8.83 8.35
N ILE C 329 6.50 -9.65 9.32
CA ILE C 329 6.39 -9.15 10.69
C ILE C 329 7.76 -8.96 11.32
N ALA C 330 8.81 -9.58 10.78
CA ALA C 330 10.15 -9.37 11.32
C ALA C 330 10.68 -7.99 10.98
N SER C 331 10.17 -7.36 9.93
CA SER C 331 10.64 -6.04 9.52
C SER C 331 9.96 -4.93 10.31
N VAL C 332 8.66 -5.05 10.56
CA VAL C 332 7.96 -4.05 11.35
C VAL C 332 8.43 -4.10 12.80
N LEU C 333 8.68 -5.30 13.32
CA LEU C 333 9.18 -5.44 14.69
C LEU C 333 10.61 -4.91 14.81
N HIS C 334 11.44 -5.16 13.80
CA HIS C 334 12.80 -4.63 13.83
C HIS C 334 12.81 -3.11 13.75
N GLN C 335 11.79 -2.52 13.12
CA GLN C 335 11.68 -1.06 13.11
C GLN C 335 11.31 -0.53 14.49
N MET C 336 10.43 -1.23 15.20
CA MET C 336 10.04 -0.81 16.53
C MET C 336 11.23 -0.83 17.48
N SER C 337 11.97 -1.95 17.50
CA SER C 337 13.14 -2.05 18.37
C SER C 337 14.23 -1.07 17.94
N GLY C 338 14.36 -0.81 16.64
CA GLY C 338 15.33 0.17 16.18
C GLY C 338 15.02 1.57 16.66
N GLY C 339 13.74 1.96 16.63
CA GLY C 339 13.36 3.26 17.13
C GLY C 339 13.50 3.37 18.65
N LEU C 340 13.19 2.28 19.36
CA LEU C 340 13.33 2.30 20.81
C LEU C 340 14.79 2.39 21.22
N LYS C 341 15.67 1.65 20.54
CA LYS C 341 17.10 1.73 20.84
C LYS C 341 17.67 3.10 20.53
N SER C 342 17.17 3.75 19.47
CA SER C 342 17.69 5.07 19.10
C SER C 342 17.32 6.12 20.14
N SER C 343 16.08 6.10 20.63
CA SER C 343 15.65 7.08 21.62
C SER C 343 16.36 6.86 22.95
N MET C 344 16.59 5.59 23.31
CA MET C 344 17.35 5.31 24.52
C MET C 344 18.79 5.80 24.41
N GLY C 345 19.33 5.80 23.19
CA GLY C 345 20.63 6.42 22.98
C GLY C 345 20.57 7.93 23.07
N TYR C 346 19.42 8.53 22.74
CA TYR C 346 19.28 9.98 22.85
C TYR C 346 19.29 10.44 24.30
N VAL C 347 18.79 9.61 25.23
CA VAL C 347 18.78 9.95 26.64
C VAL C 347 19.97 9.35 27.39
N GLY C 348 20.74 8.46 26.76
CA GLY C 348 21.92 7.90 27.39
C GLY C 348 21.62 6.76 28.34
N ALA C 349 20.79 5.81 27.90
CA ALA C 349 20.38 4.68 28.71
C ALA C 349 20.83 3.39 28.04
N SER C 350 21.50 2.52 28.81
CA SER C 350 21.96 1.24 28.30
C SER C 350 20.88 0.17 28.33
N ASN C 351 19.91 0.27 29.24
CA ASN C 351 18.84 -0.71 29.35
C ASN C 351 17.54 0.04 29.68
N ILE C 352 16.51 -0.72 30.00
CA ILE C 352 15.18 -0.13 30.20
C ILE C 352 15.07 0.53 31.57
N GLU C 353 15.67 -0.07 32.60
CA GLU C 353 15.60 0.53 33.93
C GLU C 353 16.32 1.88 33.96
N GLU C 354 17.48 1.97 33.33
CA GLU C 354 18.13 3.28 33.19
C GLU C 354 17.29 4.22 32.34
N PHE C 355 16.57 3.67 31.35
CA PHE C 355 15.71 4.50 30.50
C PHE C 355 14.61 5.16 31.31
N GLN C 356 13.96 4.41 32.21
CA GLN C 356 12.86 4.94 32.99
C GLN C 356 13.32 5.90 34.08
N LYS C 357 14.57 5.79 34.53
CA LYS C 357 15.09 6.70 35.55
C LYS C 357 15.72 7.95 34.94
N LYS C 358 16.20 7.88 33.70
CA LYS C 358 16.84 9.02 33.06
C LYS C 358 15.91 9.85 32.19
N ALA C 359 14.76 9.30 31.80
CA ALA C 359 13.90 10.00 30.84
C ALA C 359 13.24 11.21 31.47
N ASN C 360 13.21 12.30 30.72
CA ASN C 360 12.52 13.53 31.12
C ASN C 360 11.62 13.96 29.98
N PHE C 361 10.37 14.29 30.29
CA PHE C 361 9.37 14.61 29.28
C PHE C 361 9.26 16.12 29.11
N ILE C 362 9.26 16.56 27.86
CA ILE C 362 9.10 17.97 27.51
C ILE C 362 7.66 18.20 27.09
N ARG C 363 6.98 19.13 27.75
CA ARG C 363 5.63 19.51 27.37
C ARG C 363 5.69 20.39 26.13
N VAL C 364 5.03 19.97 25.06
CA VAL C 364 5.08 20.65 23.77
C VAL C 364 3.75 21.38 23.54
N SER C 365 3.82 22.54 22.91
CA SER C 365 2.65 23.37 22.67
C SER C 365 1.79 22.77 21.55
N VAL C 366 0.64 23.40 21.32
CA VAL C 366 -0.27 22.95 20.28
C VAL C 366 0.32 23.16 18.90
N ALA C 367 1.13 24.20 18.72
CA ALA C 367 1.78 24.47 17.45
C ALA C 367 3.11 23.73 17.28
N GLY C 368 3.62 23.10 18.33
CA GLY C 368 4.91 22.44 18.26
C GLY C 368 4.88 21.06 17.64
N LEU C 369 4.08 20.86 16.61
CA LEU C 369 3.98 19.57 15.95
C LEU C 369 4.38 19.67 14.48
N VAL D 12 4.99 24.55 28.88
CA VAL D 12 5.13 24.19 27.48
C VAL D 12 6.41 24.79 26.90
N ALA D 13 6.99 24.11 25.92
CA ALA D 13 8.15 24.59 25.21
C ALA D 13 7.70 25.22 23.89
N LEU D 14 8.22 26.40 23.59
CA LEU D 14 7.72 27.22 22.49
C LEU D 14 8.44 26.91 21.19
N THR D 15 7.68 26.88 20.10
CA THR D 15 8.23 26.81 18.75
C THR D 15 8.10 28.19 18.11
N PHE D 16 8.44 28.28 16.83
CA PHE D 16 8.41 29.57 16.14
C PHE D 16 6.98 30.06 15.94
N ASP D 17 6.06 29.15 15.62
CA ASP D 17 4.66 29.53 15.40
C ASP D 17 3.94 29.92 16.68
N ASP D 18 4.62 29.89 17.84
CA ASP D 18 3.99 30.23 19.10
C ASP D 18 4.11 31.70 19.46
N VAL D 19 4.97 32.47 18.78
CA VAL D 19 5.25 33.84 19.15
C VAL D 19 5.17 34.73 17.92
N LEU D 20 5.05 36.04 18.19
CA LEU D 20 5.14 37.07 17.16
C LEU D 20 5.97 38.21 17.70
N LEU D 21 6.69 38.88 16.81
CA LEU D 21 7.50 40.02 17.19
C LEU D 21 6.63 41.27 17.35
N ARG D 22 6.77 41.93 18.50
CA ARG D 22 5.95 43.10 18.79
C ARG D 22 6.49 44.32 18.05
N PRO D 23 5.64 45.11 17.39
CA PRO D 23 6.12 46.30 16.70
C PRO D 23 6.49 47.40 17.69
N GLU D 24 7.66 48.00 17.49
CA GLU D 24 8.14 49.09 18.32
C GLU D 24 8.30 50.34 17.46
N PHE D 25 8.58 51.46 18.13
CA PHE D 25 8.82 52.71 17.41
C PHE D 25 10.05 52.57 16.52
N SER D 26 9.96 53.11 15.31
CA SER D 26 11.03 53.00 14.32
C SER D 26 11.31 54.35 13.70
N ASN D 27 12.59 54.61 13.40
CA ASN D 27 12.99 55.81 12.67
C ASN D 27 13.96 55.48 11.54
N VAL D 28 14.14 54.21 11.21
CA VAL D 28 15.00 53.78 10.12
C VAL D 28 14.16 53.08 9.07
N LEU D 29 14.73 52.96 7.87
CA LEU D 29 14.06 52.30 6.75
C LEU D 29 14.86 51.07 6.33
N PRO D 30 14.21 50.06 5.74
CA PRO D 30 14.95 48.86 5.29
C PRO D 30 15.94 49.15 4.17
N ARG D 31 16.60 50.30 4.24
CA ARG D 31 17.67 50.73 3.37
C ARG D 31 18.96 50.98 4.12
N ASP D 32 18.87 51.54 5.33
CA ASP D 32 20.00 51.76 6.22
C ASP D 32 20.15 50.64 7.24
N ILE D 33 19.53 49.50 7.00
CA ILE D 33 19.50 48.40 7.96
C ILE D 33 20.65 47.44 7.63
N ASP D 34 21.45 47.13 8.64
CA ASP D 34 22.59 46.22 8.51
C ASP D 34 22.21 44.85 9.06
N ILE D 35 22.41 43.82 8.24
CA ILE D 35 22.14 42.45 8.65
C ILE D 35 23.44 41.65 8.82
N SER D 36 24.58 42.35 8.91
CA SER D 36 25.85 41.67 9.12
C SER D 36 25.86 40.99 10.49
N THR D 37 26.46 39.81 10.55
CA THR D 37 26.58 39.06 11.79
C THR D 37 28.02 38.61 11.97
N ARG D 38 28.51 38.71 13.20
CA ARG D 38 29.87 38.28 13.55
C ARG D 38 29.76 36.93 14.23
N ILE D 39 30.08 35.86 13.50
CA ILE D 39 29.97 34.53 14.08
C ILE D 39 31.16 34.25 15.00
N ALA D 40 32.37 34.58 14.58
CA ALA D 40 33.58 34.24 15.32
C ALA D 40 34.44 35.48 15.47
N LYS D 41 35.70 35.26 15.87
CA LYS D 41 36.63 36.36 16.12
C LYS D 41 36.88 37.17 14.86
N ASP D 42 37.41 36.52 13.81
CA ASP D 42 37.64 37.19 12.55
C ASP D 42 36.78 36.54 11.45
N PHE D 43 35.46 36.59 11.63
CA PHE D 43 34.54 35.91 10.72
C PHE D 43 33.20 36.64 10.78
N THR D 44 32.87 37.39 9.74
CA THR D 44 31.64 38.17 9.69
C THR D 44 30.92 37.88 8.39
N LEU D 45 29.66 37.47 8.49
CA LEU D 45 28.80 37.20 7.33
C LEU D 45 27.97 38.44 7.02
N ASN D 46 27.94 38.82 5.75
CA ASN D 46 27.02 39.88 5.34
C ASN D 46 25.58 39.39 5.30
N LEU D 47 25.38 38.12 5.00
CA LEU D 47 24.06 37.49 5.01
C LEU D 47 24.04 36.40 6.08
N PRO D 48 23.25 36.54 7.15
CA PRO D 48 23.28 35.58 8.26
C PRO D 48 22.57 34.27 7.94
N ILE D 49 23.07 33.56 6.93
CA ILE D 49 22.47 32.32 6.45
C ILE D 49 23.57 31.34 6.09
N MET D 50 23.48 30.13 6.62
CA MET D 50 24.37 29.04 6.26
C MET D 50 23.60 27.95 5.52
N SER D 51 24.28 27.28 4.61
CA SER D 51 23.69 26.16 3.88
C SER D 51 23.94 24.86 4.64
N ALA D 52 22.95 23.96 4.59
CA ALA D 52 23.05 22.72 5.34
C ALA D 52 23.95 21.73 4.63
N ALA D 53 24.39 20.73 5.41
CA ALA D 53 25.31 19.70 4.90
C ALA D 53 24.49 18.50 4.41
N MET D 54 23.89 18.68 3.23
CA MET D 54 23.12 17.64 2.58
C MET D 54 23.61 17.47 1.15
N ASP D 55 23.53 16.24 0.64
CA ASP D 55 24.01 15.95 -0.70
C ASP D 55 23.15 16.64 -1.76
N GLN D 56 21.86 16.86 -1.49
CA GLN D 56 20.98 17.53 -2.43
C GLN D 56 21.05 19.04 -2.33
N VAL D 57 21.84 19.59 -1.41
CA VAL D 57 21.90 21.03 -1.21
C VAL D 57 23.29 21.56 -1.57
N THR D 58 24.17 21.66 -0.58
CA THR D 58 25.43 22.38 -0.74
C THR D 58 26.43 21.53 -1.52
N ASP D 59 26.77 21.96 -2.73
CA ASP D 59 27.79 21.31 -3.53
C ASP D 59 28.96 22.26 -3.74
N SER D 60 29.69 22.08 -4.84
CA SER D 60 30.73 23.05 -5.18
C SER D 60 30.12 24.34 -5.70
N ARG D 61 29.03 24.24 -6.45
CA ARG D 61 28.39 25.42 -7.01
C ARG D 61 27.61 26.21 -5.96
N LEU D 62 26.84 25.52 -5.13
CA LEU D 62 26.05 26.22 -4.11
C LEU D 62 26.93 26.87 -3.05
N ALA D 63 28.09 26.26 -2.76
CA ALA D 63 29.00 26.87 -1.79
C ALA D 63 29.52 28.21 -2.29
N ILE D 64 29.83 28.30 -3.59
CA ILE D 64 30.24 29.58 -4.16
C ILE D 64 29.09 30.58 -4.13
N ALA D 65 27.88 30.13 -4.48
CA ALA D 65 26.72 31.02 -4.47
C ALA D 65 26.41 31.51 -3.06
N MET D 66 26.67 30.70 -2.04
CA MET D 66 26.44 31.14 -0.67
C MET D 66 27.47 32.17 -0.24
N ALA D 67 28.74 31.95 -0.57
CA ALA D 67 29.78 32.90 -0.19
C ALA D 67 29.66 34.21 -0.95
N GLN D 68 29.26 34.14 -2.23
CA GLN D 68 29.16 35.36 -3.02
C GLN D 68 27.95 36.21 -2.66
N ALA D 69 26.92 35.62 -2.05
CA ALA D 69 25.75 36.36 -1.64
C ALA D 69 25.89 37.00 -0.26
N GLY D 70 26.97 36.71 0.46
CA GLY D 70 27.18 37.24 1.79
C GLY D 70 27.10 36.20 2.90
N GLY D 71 26.80 34.95 2.56
CA GLY D 71 26.71 33.90 3.56
C GLY D 71 27.82 32.87 3.47
N LEU D 72 27.47 31.60 3.65
CA LEU D 72 28.46 30.52 3.65
C LEU D 72 27.74 29.19 3.45
N GLY D 73 28.43 28.27 2.80
CA GLY D 73 27.94 26.91 2.66
C GLY D 73 28.97 25.92 3.17
N VAL D 74 28.47 24.82 3.72
CA VAL D 74 29.31 23.74 4.24
C VAL D 74 29.13 22.51 3.37
N ILE D 75 30.22 21.80 3.09
CA ILE D 75 30.20 20.67 2.16
C ILE D 75 29.98 19.38 2.94
N HIS D 76 29.04 18.56 2.46
CA HIS D 76 28.61 17.39 3.21
C HIS D 76 29.69 16.31 3.20
N ARG D 77 29.46 15.28 4.02
CA ARG D 77 30.41 14.21 4.27
C ARG D 77 30.24 13.01 3.33
N ASN D 78 29.15 12.96 2.56
CA ASN D 78 28.86 11.80 1.72
C ASN D 78 29.55 11.86 0.37
N PHE D 79 30.60 12.67 0.24
CA PHE D 79 31.50 12.59 -0.91
C PHE D 79 32.61 11.58 -0.64
N SER D 80 33.45 11.86 0.36
CA SER D 80 34.60 11.07 0.79
C SER D 80 35.43 11.89 1.78
N PRO D 81 36.66 11.48 2.10
CA PRO D 81 37.67 12.46 2.56
C PRO D 81 38.25 13.26 1.41
N SER D 82 38.80 12.57 0.40
CA SER D 82 39.55 13.24 -0.66
C SER D 82 38.67 13.69 -1.83
N GLU D 83 37.67 12.90 -2.22
CA GLU D 83 36.73 13.43 -3.20
C GLU D 83 35.99 14.64 -2.65
N GLN D 84 36.01 14.83 -1.33
CA GLN D 84 35.42 16.02 -0.70
C GLN D 84 36.36 17.22 -0.80
N VAL D 85 37.67 17.01 -0.65
CA VAL D 85 38.59 18.15 -0.73
C VAL D 85 38.67 18.71 -2.14
N ALA D 86 38.23 17.94 -3.15
CA ALA D 86 38.14 18.50 -4.49
C ALA D 86 37.02 19.52 -4.59
N GLN D 87 35.96 19.37 -3.80
CA GLN D 87 34.86 20.32 -3.82
C GLN D 87 35.22 21.61 -3.09
N VAL D 88 35.88 21.51 -1.94
CA VAL D 88 36.19 22.71 -1.16
C VAL D 88 37.28 23.54 -1.83
N HIS D 89 38.25 22.88 -2.47
CA HIS D 89 39.33 23.61 -3.10
C HIS D 89 38.84 24.42 -4.30
N GLN D 90 37.78 23.94 -4.97
CA GLN D 90 37.17 24.73 -6.04
C GLN D 90 36.60 26.03 -5.50
N VAL D 91 36.05 26.00 -4.29
CA VAL D 91 35.45 27.21 -3.71
C VAL D 91 36.50 28.28 -3.52
N LYS D 92 37.71 27.89 -3.14
CA LYS D 92 38.79 28.83 -2.90
C LYS D 92 39.57 29.17 -4.17
N LYS D 93 39.07 28.78 -5.34
CA LYS D 93 39.71 29.18 -6.59
C LYS D 93 39.35 30.61 -6.97
N PHE D 94 38.08 30.98 -6.80
CA PHE D 94 37.59 32.30 -7.19
C PHE D 94 38.32 33.42 -6.46
N PRO D 109 31.51 41.94 -5.68
CA PRO D 109 30.71 42.71 -4.71
C PRO D 109 31.31 42.66 -3.31
N ASN D 110 30.46 42.47 -2.31
CA ASN D 110 30.89 42.32 -0.92
C ASN D 110 30.58 40.89 -0.46
N ALA D 111 31.24 39.94 -1.10
CA ALA D 111 31.16 38.56 -0.65
C ALA D 111 31.96 38.39 0.64
N THR D 112 31.85 37.20 1.22
CA THR D 112 32.58 36.86 2.43
C THR D 112 33.79 36.02 2.03
N LYS D 113 34.98 36.60 2.16
CA LYS D 113 36.24 35.92 1.88
C LYS D 113 37.27 36.35 2.92
N ASP D 114 38.35 35.58 3.00
CA ASP D 114 39.34 35.74 4.06
C ASP D 114 40.24 36.94 3.78
N SER D 115 41.29 37.07 4.59
CA SER D 115 42.33 38.08 4.31
C SER D 115 43.01 37.80 2.99
N LYS D 116 43.12 36.52 2.61
CA LYS D 116 43.75 36.15 1.34
C LYS D 116 42.94 36.63 0.15
N GLY D 117 41.63 36.82 0.33
CA GLY D 117 40.75 37.17 -0.77
C GLY D 117 40.03 36.00 -1.39
N ARG D 118 40.24 34.78 -0.89
CA ARG D 118 39.56 33.60 -1.40
C ARG D 118 38.30 33.34 -0.58
N LEU D 119 37.23 32.97 -1.27
CA LEU D 119 35.91 32.94 -0.66
C LEU D 119 35.84 31.93 0.48
N ARG D 120 35.19 32.34 1.57
CA ARG D 120 35.03 31.46 2.73
C ARG D 120 34.21 30.23 2.36
N VAL D 121 34.47 29.13 3.07
CA VAL D 121 33.76 27.88 2.84
C VAL D 121 34.03 26.92 3.99
N ALA D 122 33.06 26.06 4.29
CA ALA D 122 33.20 25.09 5.36
C ALA D 122 32.91 23.68 4.83
N ALA D 123 33.11 22.69 5.69
CA ALA D 123 32.92 21.30 5.31
C ALA D 123 32.48 20.49 6.51
N ALA D 124 31.53 19.58 6.29
CA ALA D 124 31.04 18.72 7.35
C ALA D 124 31.94 17.50 7.52
N VAL D 125 32.20 17.14 8.77
CA VAL D 125 33.07 16.03 9.09
C VAL D 125 32.30 15.03 9.95
N SER D 126 32.79 13.79 9.94
CA SER D 126 32.20 12.70 10.71
C SER D 126 33.01 12.47 11.99
N VAL D 127 32.62 11.43 12.72
CA VAL D 127 33.34 11.03 13.92
C VAL D 127 33.65 9.53 13.86
N ALA D 132 39.90 7.94 14.26
CA ALA D 132 40.79 8.83 13.52
C ALA D 132 40.00 9.76 12.62
N ASP D 133 40.41 11.03 12.57
CA ASP D 133 39.73 12.06 11.79
C ASP D 133 40.53 12.40 10.55
N ARG D 134 39.81 12.87 9.52
CA ARG D 134 40.43 13.22 8.25
C ARG D 134 40.26 14.72 7.96
N VAL D 135 40.74 15.56 8.88
CA VAL D 135 40.64 17.00 8.72
C VAL D 135 41.90 17.61 8.11
N GLY D 136 43.05 16.92 8.21
CA GLY D 136 44.29 17.37 7.60
C GLY D 136 44.15 17.76 6.15
N PRO D 137 43.66 16.86 5.30
CA PRO D 137 43.43 17.21 3.89
C PRO D 137 42.53 18.42 3.70
N LEU D 138 41.66 18.72 4.66
CA LEU D 138 40.84 19.92 4.58
C LEU D 138 41.59 21.15 5.05
N PHE D 139 42.31 21.04 6.17
CA PHE D 139 43.07 22.18 6.68
C PHE D 139 44.20 22.58 5.74
N ASP D 140 44.76 21.61 5.01
CA ASP D 140 45.84 21.93 4.08
C ASP D 140 45.38 22.83 2.93
N VAL D 141 44.07 22.88 2.67
CA VAL D 141 43.51 23.76 1.66
C VAL D 141 43.05 25.04 2.35
N ASN D 142 43.50 25.23 3.58
CA ASN D 142 43.14 26.39 4.39
C ASN D 142 41.62 26.52 4.52
N VAL D 143 41.01 25.45 5.06
CA VAL D 143 39.56 25.44 5.21
C VAL D 143 39.15 26.50 6.22
N ASP D 144 38.02 27.15 5.96
CA ASP D 144 37.58 28.25 6.81
C ASP D 144 36.88 27.76 8.07
N LEU D 145 36.30 26.57 8.02
CA LEU D 145 35.53 26.01 9.13
C LEU D 145 35.26 24.54 8.83
N VAL D 146 35.33 23.70 9.86
CA VAL D 146 34.96 22.30 9.73
C VAL D 146 33.80 22.03 10.68
N VAL D 147 32.78 21.34 10.19
CA VAL D 147 31.52 21.19 10.92
C VAL D 147 31.42 19.75 11.40
N VAL D 148 31.54 19.57 12.72
CA VAL D 148 31.25 18.29 13.35
C VAL D 148 29.79 18.35 13.79
N ASP D 149 28.92 17.74 13.00
CA ASP D 149 27.48 17.79 13.24
C ASP D 149 26.90 16.38 13.11
N THR D 150 25.96 16.07 13.99
CA THR D 150 25.30 14.76 13.99
C THR D 150 23.95 14.92 14.66
N ALA D 151 23.25 13.80 14.85
CA ALA D 151 21.92 13.85 15.44
C ALA D 151 21.97 14.19 16.93
N HIS D 152 23.04 13.78 17.62
CA HIS D 152 23.17 13.98 19.06
C HIS D 152 24.53 14.61 19.34
N GLY D 153 24.55 15.94 19.52
CA GLY D 153 25.79 16.63 19.81
C GLY D 153 26.29 16.43 21.24
N HIS D 154 25.39 16.11 22.17
CA HIS D 154 25.79 15.83 23.55
C HIS D 154 26.27 14.41 23.75
N SER D 155 26.99 13.86 22.78
CA SER D 155 27.60 12.54 22.88
C SER D 155 29.00 12.67 23.48
N GLN D 156 29.58 11.52 23.82
CA GLN D 156 30.97 11.52 24.28
C GLN D 156 31.96 11.38 23.13
N LYS D 157 31.64 10.54 22.15
CA LYS D 157 32.49 10.46 20.96
C LYS D 157 32.43 11.75 20.15
N VAL D 158 31.33 12.49 20.25
CA VAL D 158 31.25 13.81 19.63
C VAL D 158 32.02 14.83 20.47
N LEU D 159 31.96 14.69 21.81
CA LEU D 159 32.70 15.60 22.67
C LEU D 159 34.20 15.45 22.47
N ASP D 160 34.68 14.21 22.34
CA ASP D 160 36.10 13.96 22.15
C ASP D 160 36.55 14.20 20.72
N ALA D 161 35.62 14.25 19.77
CA ALA D 161 35.99 14.64 18.41
C ALA D 161 36.34 16.12 18.34
N VAL D 162 35.73 16.94 19.20
CA VAL D 162 36.01 18.38 19.19
C VAL D 162 37.39 18.64 19.78
N VAL D 163 37.69 18.05 20.93
CA VAL D 163 39.01 18.24 21.53
C VAL D 163 40.09 17.61 20.65
N GLN D 164 39.73 16.60 19.86
CA GLN D 164 40.71 15.99 18.96
C GLN D 164 41.10 16.95 17.85
N ILE D 165 40.14 17.73 17.34
CA ILE D 165 40.44 18.64 16.23
C ILE D 165 41.19 19.87 16.71
N LYS D 166 40.83 20.40 17.89
CA LYS D 166 41.53 21.56 18.41
C LYS D 166 42.91 21.20 18.94
N LYS D 167 43.15 19.92 19.28
CA LYS D 167 44.50 19.51 19.68
C LYS D 167 45.42 19.42 18.48
N ASN D 168 44.90 18.99 17.33
CA ASN D 168 45.68 18.83 16.11
C ASN D 168 45.80 20.13 15.34
N PHE D 169 44.67 20.83 15.14
CA PHE D 169 44.63 22.08 14.39
C PHE D 169 44.06 23.16 15.30
N PRO D 170 44.87 23.75 16.18
CA PRO D 170 44.33 24.75 17.11
C PRO D 170 43.79 26.00 16.44
N SER D 171 44.48 26.51 15.40
CA SER D 171 44.02 27.71 14.72
C SER D 171 42.71 27.49 13.98
N LEU D 172 42.37 26.24 13.66
CA LEU D 172 41.15 25.96 12.92
C LEU D 172 39.92 26.19 13.80
N LEU D 173 38.87 26.74 13.19
CA LEU D 173 37.61 26.99 13.89
C LEU D 173 36.63 25.87 13.59
N VAL D 174 35.91 25.43 14.62
CA VAL D 174 35.04 24.26 14.55
C VAL D 174 33.65 24.63 15.08
N MET D 175 32.62 24.20 14.37
CA MET D 175 31.23 24.31 14.81
C MET D 175 30.71 22.92 15.15
N ALA D 176 30.07 22.79 16.29
CA ALA D 176 29.63 21.50 16.80
C ALA D 176 28.13 21.48 17.03
N GLY D 177 27.53 20.30 16.86
CA GLY D 177 26.11 20.13 17.07
C GLY D 177 25.70 18.71 16.75
N ASN D 178 24.41 18.44 16.91
CA ASN D 178 23.43 19.42 17.38
C ASN D 178 23.07 19.19 18.84
N ILE D 179 22.79 20.28 19.55
CA ILE D 179 22.39 20.24 20.95
C ILE D 179 21.17 21.12 21.14
N ALA D 180 20.29 20.73 22.06
CA ALA D 180 19.08 21.47 22.34
C ALA D 180 18.97 21.84 23.82
N THR D 181 20.08 21.82 24.56
CA THR D 181 20.06 22.05 25.99
C THR D 181 21.19 22.98 26.38
N ALA D 182 20.97 23.77 27.43
CA ALA D 182 22.05 24.55 28.01
C ALA D 182 23.17 23.69 28.56
N GLU D 183 22.85 22.44 28.92
CA GLU D 183 23.88 21.51 29.37
C GLU D 183 24.73 21.02 28.19
N GLY D 184 24.09 20.67 27.08
CA GLY D 184 24.83 20.27 25.90
C GLY D 184 25.65 21.39 25.30
N ALA D 185 25.17 22.63 25.43
CA ALA D 185 25.95 23.77 24.94
C ALA D 185 27.22 23.96 25.76
N LEU D 186 27.11 23.83 27.09
CA LEU D 186 28.29 23.98 27.93
C LEU D 186 29.28 22.84 27.72
N ALA D 187 28.78 21.62 27.46
CA ALA D 187 29.67 20.50 27.18
C ALA D 187 30.47 20.74 25.90
N LEU D 188 29.81 21.21 24.84
CA LEU D 188 30.50 21.49 23.59
C LEU D 188 31.44 22.68 23.73
N ILE D 189 31.02 23.69 24.50
CA ILE D 189 31.89 24.85 24.73
C ILE D 189 33.10 24.43 25.56
N ASP D 190 32.91 23.53 26.53
CA ASP D 190 34.03 23.02 27.30
C ASP D 190 35.02 22.27 26.43
N ALA D 191 34.54 21.58 25.41
CA ALA D 191 35.40 20.83 24.51
C ALA D 191 36.13 21.72 23.51
N GLY D 192 35.91 23.02 23.54
CA GLY D 192 36.60 23.95 22.67
C GLY D 192 35.87 24.34 21.41
N ALA D 193 34.59 24.02 21.27
CA ALA D 193 33.84 24.40 20.09
C ALA D 193 33.70 25.92 20.03
N ASP D 194 34.01 26.50 18.87
CA ASP D 194 33.92 27.95 18.72
C ASP D 194 32.48 28.39 18.44
N ILE D 195 31.76 27.62 17.64
CA ILE D 195 30.34 27.83 17.39
C ILE D 195 29.60 26.53 17.68
N ILE D 196 28.33 26.65 18.03
CA ILE D 196 27.49 25.50 18.31
C ILE D 196 26.29 25.53 17.36
N LYS D 197 25.72 24.35 17.14
CA LYS D 197 24.53 24.18 16.31
C LYS D 197 23.42 23.59 17.15
N VAL D 198 22.22 24.18 17.05
CA VAL D 198 21.07 23.73 17.83
C VAL D 198 20.04 23.13 16.88
N GLY D 199 19.35 22.10 17.37
CA GLY D 199 18.37 21.39 16.57
C GLY D 199 18.53 19.89 16.64
N CYS D 206 9.27 16.43 11.86
CA CYS D 206 10.56 15.74 11.80
C CYS D 206 10.38 14.23 11.97
N THR D 207 11.18 13.46 11.24
CA THR D 207 11.09 12.00 11.35
C THR D 207 11.65 11.51 12.67
N THR D 208 12.64 12.22 13.25
CA THR D 208 13.20 11.80 14.52
C THR D 208 12.19 11.92 15.65
N ARG D 209 11.27 12.88 15.57
CA ARG D 209 10.20 12.96 16.55
C ARG D 209 9.25 11.77 16.47
N VAL D 210 9.03 11.26 15.25
CA VAL D 210 8.09 10.16 15.06
C VAL D 210 8.74 8.82 15.41
N VAL D 211 9.98 8.62 14.97
CA VAL D 211 10.63 7.33 15.18
C VAL D 211 11.08 7.16 16.62
N THR D 212 11.63 8.22 17.22
CA THR D 212 12.21 8.13 18.56
C THR D 212 11.40 8.82 19.64
N GLY D 213 10.58 9.81 19.29
CA GLY D 213 9.91 10.61 20.29
C GLY D 213 10.79 11.62 20.98
N VAL D 214 12.00 11.84 20.48
CA VAL D 214 12.95 12.78 21.07
C VAL D 214 12.92 14.08 20.29
N GLY D 215 12.97 15.19 21.01
CA GLY D 215 13.00 16.48 20.35
C GLY D 215 12.80 17.60 21.34
N CYS D 216 12.89 18.81 20.82
CA CYS D 216 12.65 20.03 21.60
C CYS D 216 12.25 21.14 20.65
N PRO D 217 11.16 21.85 20.92
CA PRO D 217 10.78 22.99 20.08
C PRO D 217 11.93 23.98 19.94
N GLN D 218 12.11 24.50 18.72
CA GLN D 218 13.34 25.20 18.39
C GLN D 218 13.47 26.52 19.15
N LEU D 219 12.36 27.25 19.32
CA LEU D 219 12.45 28.54 19.98
C LEU D 219 12.87 28.39 21.44
N SER D 220 12.33 27.40 22.15
CA SER D 220 12.74 27.17 23.53
C SER D 220 14.18 26.67 23.59
N ALA D 221 14.58 25.84 22.62
CA ALA D 221 15.96 25.35 22.60
C ALA D 221 16.94 26.46 22.33
N ILE D 222 16.60 27.39 21.42
CA ILE D 222 17.49 28.51 21.11
C ILE D 222 17.64 29.41 22.34
N MET D 223 16.53 29.74 22.99
CA MET D 223 16.58 30.60 24.16
C MET D 223 17.27 29.94 25.36
N SER D 224 17.27 28.61 25.41
CA SER D 224 17.91 27.91 26.52
C SER D 224 19.43 27.94 26.41
N VAL D 225 19.97 27.89 25.20
CA VAL D 225 21.41 27.74 25.01
C VAL D 225 22.13 29.06 24.77
N VAL D 226 21.41 30.17 24.60
CA VAL D 226 22.05 31.46 24.33
C VAL D 226 22.33 32.27 25.59
N GLU D 227 21.68 31.95 26.72
CA GLU D 227 21.98 32.69 27.95
C GLU D 227 23.35 32.31 28.50
N VAL D 228 23.87 31.13 28.14
CA VAL D 228 25.21 30.73 28.55
C VAL D 228 26.18 31.01 27.40
N ALA D 229 25.70 30.85 26.17
CA ALA D 229 26.56 31.12 25.02
C ALA D 229 26.89 32.61 24.90
N GLU D 230 25.97 33.48 25.31
CA GLU D 230 26.25 34.91 25.31
C GLU D 230 27.20 35.32 26.42
N ARG D 231 27.32 34.52 27.47
CA ARG D 231 28.33 34.76 28.50
C ARG D 231 29.64 34.06 28.19
N ALA D 232 29.61 32.97 27.42
CA ALA D 232 30.81 32.30 26.94
C ALA D 232 31.36 32.92 25.67
N GLY D 233 30.72 33.94 25.14
CA GLY D 233 31.16 34.57 23.90
C GLY D 233 31.05 33.70 22.67
N VAL D 234 30.19 32.69 22.70
CA VAL D 234 30.05 31.73 21.61
C VAL D 234 28.79 32.07 20.83
N ALA D 235 28.92 32.15 19.51
CA ALA D 235 27.78 32.42 18.65
C ALA D 235 26.92 31.16 18.49
N ILE D 236 25.75 31.34 17.90
CA ILE D 236 24.76 30.27 17.77
C ILE D 236 24.27 30.20 16.34
N VAL D 237 24.24 28.98 15.80
CA VAL D 237 23.66 28.70 14.49
C VAL D 237 22.41 27.85 14.71
N ALA D 238 21.25 28.41 14.37
CA ALA D 238 19.98 27.70 14.50
C ALA D 238 19.76 26.82 13.27
N ASP D 239 19.63 25.51 13.50
CA ASP D 239 19.48 24.54 12.41
C ASP D 239 18.19 23.76 12.65
N GLY D 240 17.15 24.08 11.90
CA GLY D 240 15.89 23.38 12.00
C GLY D 240 14.71 24.28 12.33
N GLY D 241 13.54 23.92 11.81
CA GLY D 241 12.33 24.68 12.05
C GLY D 241 12.16 25.92 11.20
N ILE D 242 13.06 26.17 10.26
CA ILE D 242 13.00 27.37 9.42
C ILE D 242 12.18 27.04 8.19
N ARG D 243 10.97 27.61 8.12
CA ARG D 243 10.09 27.44 6.97
C ARG D 243 9.97 28.69 6.11
N PHE D 244 9.91 29.87 6.74
CA PHE D 244 9.78 31.13 6.02
C PHE D 244 10.86 32.09 6.50
N SER D 245 10.86 33.30 5.92
CA SER D 245 11.79 34.33 6.36
C SER D 245 11.42 34.87 7.73
N GLY D 246 10.14 34.79 8.11
CA GLY D 246 9.73 35.21 9.44
C GLY D 246 10.33 34.36 10.53
N ASP D 247 10.54 33.07 10.27
CA ASP D 247 11.19 32.21 11.24
C ASP D 247 12.66 32.58 11.42
N ILE D 248 13.30 33.10 10.37
CA ILE D 248 14.66 33.58 10.48
C ILE D 248 14.73 34.82 11.36
N ALA D 249 13.74 35.71 11.22
CA ALA D 249 13.68 36.90 12.06
C ALA D 249 13.52 36.52 13.53
N LYS D 250 12.68 35.52 13.82
CA LYS D 250 12.47 35.12 15.21
C LYS D 250 13.70 34.41 15.77
N ALA D 251 14.34 33.56 14.97
CA ALA D 251 15.54 32.86 15.44
C ALA D 251 16.66 33.84 15.75
N ILE D 252 16.87 34.83 14.88
CA ILE D 252 17.91 35.83 15.13
C ILE D 252 17.52 36.71 16.30
N ALA D 253 16.25 37.10 16.39
CA ALA D 253 15.81 37.93 17.51
C ALA D 253 15.88 37.17 18.84
N ALA D 254 15.78 35.85 18.80
CA ALA D 254 15.91 35.06 20.02
C ALA D 254 17.33 35.02 20.54
N GLY D 255 18.32 35.27 19.70
CA GLY D 255 19.71 35.29 20.13
C GLY D 255 20.67 34.61 19.18
N SER D 256 20.14 33.92 18.18
CA SER D 256 21.00 33.26 17.20
C SER D 256 21.71 34.29 16.33
N ALA D 257 22.99 34.04 16.06
CA ALA D 257 23.78 34.87 15.18
C ALA D 257 23.64 34.48 13.71
N CYS D 258 23.12 33.29 13.43
CA CYS D 258 23.00 32.79 12.08
C CYS D 258 22.04 31.62 12.08
N VAL D 259 21.43 31.37 10.91
CA VAL D 259 20.51 30.26 10.73
C VAL D 259 21.05 29.36 9.62
N MET D 260 20.85 28.05 9.78
CA MET D 260 21.25 27.08 8.78
C MET D 260 20.02 26.57 8.05
N ILE D 261 20.05 26.66 6.73
CA ILE D 261 18.91 26.32 5.88
C ILE D 261 19.34 25.28 4.86
N GLY D 262 18.48 24.28 4.63
CA GLY D 262 18.79 23.24 3.67
C GLY D 262 17.69 22.96 2.67
N SER D 263 16.50 22.61 3.17
CA SER D 263 15.42 22.19 2.29
C SER D 263 14.94 23.34 1.39
N LEU D 264 14.98 24.58 1.89
CA LEU D 264 14.53 25.72 1.11
C LEU D 264 15.53 26.16 0.05
N LEU D 265 16.71 25.54 -0.01
CA LEU D 265 17.70 25.81 -1.04
C LEU D 265 17.96 24.59 -1.92
N ALA D 266 16.99 23.67 -2.02
CA ALA D 266 17.18 22.39 -2.67
C ALA D 266 16.78 22.39 -4.14
N GLY D 267 15.63 22.97 -4.49
CA GLY D 267 15.17 22.92 -5.85
C GLY D 267 15.67 24.06 -6.71
N THR D 268 16.94 24.41 -6.58
CA THR D 268 17.50 25.57 -7.28
C THR D 268 18.39 25.11 -8.43
N ASP D 269 18.85 26.10 -9.21
CA ASP D 269 19.78 25.82 -10.30
C ASP D 269 21.14 25.41 -9.76
N GLU D 270 21.70 26.20 -8.84
CA GLU D 270 23.03 25.93 -8.31
C GLU D 270 23.06 24.67 -7.46
N SER D 271 21.91 24.16 -7.04
CA SER D 271 21.86 22.87 -6.37
C SER D 271 22.02 21.75 -7.39
N PRO D 272 22.68 20.64 -7.00
CA PRO D 272 22.88 19.52 -7.92
C PRO D 272 21.59 18.83 -8.33
N PRO D 324 10.37 19.58 -6.98
CA PRO D 324 10.15 21.03 -6.85
C PRO D 324 11.30 21.84 -7.44
N TYR D 325 11.01 23.10 -7.83
CA TYR D 325 12.01 23.93 -8.48
C TYR D 325 11.91 25.35 -7.93
N LYS D 326 13.05 25.91 -7.53
CA LYS D 326 13.09 27.21 -6.86
C LYS D 326 13.52 28.35 -7.77
N GLY D 327 14.43 28.11 -8.70
CA GLY D 327 15.01 29.16 -9.51
C GLY D 327 16.42 29.50 -9.04
N PRO D 328 16.83 30.76 -9.24
CA PRO D 328 18.19 31.15 -8.85
C PRO D 328 18.33 31.31 -7.34
N ILE D 329 19.55 31.06 -6.87
CA ILE D 329 19.83 31.13 -5.44
C ILE D 329 19.74 32.57 -4.95
N ALA D 330 20.27 33.53 -5.73
CA ALA D 330 20.26 34.92 -5.32
C ALA D 330 18.86 35.48 -5.15
N SER D 331 17.87 34.90 -5.84
CA SER D 331 16.49 35.33 -5.67
C SER D 331 15.90 34.83 -4.35
N VAL D 332 16.23 33.60 -3.97
CA VAL D 332 15.75 33.07 -2.70
C VAL D 332 16.34 33.85 -1.54
N LEU D 333 17.67 33.98 -1.50
CA LEU D 333 18.34 34.67 -0.41
C LEU D 333 17.93 36.13 -0.31
N HIS D 334 17.69 36.79 -1.45
CA HIS D 334 17.23 38.18 -1.41
C HIS D 334 15.85 38.28 -0.79
N GLN D 335 15.00 37.27 -1.00
CA GLN D 335 13.70 37.26 -0.36
C GLN D 335 13.82 37.09 1.15
N MET D 336 14.78 36.26 1.61
CA MET D 336 15.03 36.14 3.04
C MET D 336 15.66 37.42 3.59
N SER D 337 16.66 37.96 2.89
CA SER D 337 17.31 39.19 3.34
C SER D 337 16.31 40.32 3.45
N GLY D 338 15.46 40.49 2.42
CA GLY D 338 14.45 41.52 2.46
C GLY D 338 13.43 41.29 3.56
N GLY D 339 13.02 40.03 3.75
CA GLY D 339 12.09 39.74 4.83
C GLY D 339 12.67 39.99 6.20
N LEU D 340 13.95 39.64 6.38
CA LEU D 340 14.61 39.91 7.66
C LEU D 340 14.79 41.41 7.87
N LYS D 341 15.08 42.16 6.80
CA LYS D 341 15.26 43.60 6.94
C LYS D 341 13.95 44.29 7.30
N SER D 342 12.84 43.84 6.70
CA SER D 342 11.55 44.49 6.96
C SER D 342 11.07 44.22 8.38
N SER D 343 11.38 43.04 8.95
CA SER D 343 10.99 42.77 10.32
C SER D 343 11.79 43.61 11.30
N MET D 344 13.06 43.87 10.99
CA MET D 344 13.85 44.76 11.83
C MET D 344 13.33 46.19 11.81
N GLY D 345 12.81 46.63 10.66
CA GLY D 345 12.18 47.95 10.61
C GLY D 345 10.91 48.02 11.41
N TYR D 346 10.24 46.89 11.62
CA TYR D 346 9.05 46.87 12.47
C TYR D 346 9.41 47.10 13.93
N VAL D 347 10.55 46.57 14.37
CA VAL D 347 10.97 46.75 15.77
C VAL D 347 11.87 47.97 15.94
N GLY D 348 12.29 48.62 14.86
CA GLY D 348 13.11 49.81 14.95
C GLY D 348 14.58 49.52 15.21
N ALA D 349 15.15 48.58 14.46
CA ALA D 349 16.53 48.17 14.62
C ALA D 349 17.29 48.36 13.31
N SER D 350 18.47 48.97 13.39
CA SER D 350 19.29 49.17 12.21
C SER D 350 20.34 48.08 12.03
N ASN D 351 20.67 47.34 13.09
CA ASN D 351 21.61 46.24 13.01
C ASN D 351 21.09 45.08 13.85
N ILE D 352 21.85 43.98 13.87
CA ILE D 352 21.41 42.79 14.58
C ILE D 352 21.59 42.93 16.09
N GLU D 353 22.62 43.66 16.53
CA GLU D 353 22.85 43.83 17.96
C GLU D 353 21.66 44.49 18.63
N GLU D 354 21.23 45.64 18.12
CA GLU D 354 20.05 46.30 18.69
C GLU D 354 18.77 45.55 18.34
N PHE D 355 18.79 44.69 17.32
CA PHE D 355 17.63 43.86 17.02
C PHE D 355 17.34 42.90 18.17
N GLN D 356 18.38 42.25 18.69
CA GLN D 356 18.24 41.35 19.82
C GLN D 356 18.05 42.08 21.15
N LYS D 357 18.29 43.38 21.19
CA LYS D 357 18.16 44.14 22.43
C LYS D 357 16.75 44.70 22.64
N LYS D 358 16.01 44.98 21.57
CA LYS D 358 14.68 45.54 21.70
C LYS D 358 13.58 44.63 21.18
N ALA D 359 13.92 43.45 20.67
CA ALA D 359 12.91 42.51 20.20
C ALA D 359 12.09 41.99 21.37
N ASN D 360 10.77 41.96 21.19
CA ASN D 360 9.84 41.46 22.19
C ASN D 360 8.88 40.47 21.54
N PHE D 361 8.73 39.32 22.15
CA PHE D 361 7.86 38.25 21.65
C PHE D 361 6.50 38.34 22.30
N ILE D 362 5.44 38.37 21.49
CA ILE D 362 4.07 38.26 21.98
C ILE D 362 3.62 36.82 21.79
N ARG D 363 3.10 36.21 22.85
CA ARG D 363 2.62 34.84 22.79
C ARG D 363 1.22 34.81 22.21
N VAL D 364 1.03 34.07 21.12
CA VAL D 364 -0.24 34.03 20.42
C VAL D 364 -0.99 32.76 20.81
N SER D 365 -2.30 32.79 20.62
CA SER D 365 -3.16 31.66 20.95
C SER D 365 -3.12 30.61 19.84
N VAL D 366 -3.83 29.51 20.07
CA VAL D 366 -3.88 28.44 19.07
C VAL D 366 -4.53 28.94 17.79
N ALA D 367 -5.49 29.85 17.90
CA ALA D 367 -6.12 30.44 16.72
C ALA D 367 -5.18 31.42 16.02
N GLY D 368 -3.99 30.95 15.66
CA GLY D 368 -3.04 31.77 14.94
C GLY D 368 -3.06 31.50 13.45
N LEU D 369 -3.85 32.28 12.71
CA LEU D 369 -3.99 32.08 11.28
C LEU D 369 -3.98 33.42 10.54
#